data_5X9R
#
_entry.id   5X9R
#
_cell.length_a   93.998
_cell.length_b   93.998
_cell.length_c   172.947
_cell.angle_alpha   90.00
_cell.angle_beta   90.00
_cell.angle_gamma   90.00
#
_symmetry.space_group_name_H-M   'P 41'
#
loop_
_entity.id
_entity.type
_entity.pdbx_description
1 polymer 'Citrate-sodium symporter'
2 non-polymer 'CITRATE ANION'
3 non-polymer beta-D-glucopyranose
#
_entity_poly.entity_id   1
_entity_poly.type   'polypeptide(L)'
_entity_poly.pdbx_seq_one_letter_code
;GSKGVSDLLGFKIFGMPLPLYAFALITLLLSHFYNALPTDIVGGFAIMFIIGAIFGEIGKRLPIFNKYIGGAPVMIFLVA
AYFVYAGIFTQKEIDAISNVMDKSNFLNLFIAVLITGAILSVNRRLLLKSLLGYIPTILMGIVGASIFGIAIGLVFGIPV
DRIMMLYVLPIMGGGNGAGAVPLSEIYHSVTGRSREEYYSTAIAILTIANIFAIVFAAVLDIIGKKHTWLSGEGELVRKA
SFKVEEDEKTGQITHRETAVGLVLSTTCFLLAYVVAKKILPSIGGVAIHYFAWMVLIVAALNASGLCSPEIKAGAKRLSD
FFSKQLLWVLMVGVGVCYTDLQEIINAITFANVVIAAIIVIGAVLGAAIGGWLMGFFPIESAITAGLCMANRGGSGDLEV
LSACNRMNLISYAQISSRLGGGIVLVIASIVFGMMIPR
;
_entity_poly.pdbx_strand_id   A,B
#
loop_
_chem_comp.id
_chem_comp.type
_chem_comp.name
_chem_comp.formula
BGC D-saccharide, beta linking beta-D-glucopyranose 'C6 H12 O6'
FLC non-polymer 'CITRATE ANION' 'C6 H5 O7 -3'
#
# COMPACT_ATOMS: atom_id res chain seq x y z
N PHE A 11 15.90 6.54 24.27
CA PHE A 11 14.92 5.61 24.90
C PHE A 11 14.41 4.66 23.83
N LYS A 12 13.35 5.05 23.12
CA LYS A 12 12.78 4.21 22.09
C LYS A 12 12.79 4.90 20.73
N ILE A 13 13.23 4.18 19.70
CA ILE A 13 13.32 4.73 18.34
C ILE A 13 12.02 4.42 17.60
N PHE A 14 11.13 5.40 17.59
CA PHE A 14 9.83 5.26 16.94
C PHE A 14 8.96 4.24 17.68
N GLY A 15 8.85 4.41 19.00
CA GLY A 15 8.14 3.49 19.89
C GLY A 15 8.70 2.08 19.92
N MET A 16 9.98 1.94 19.57
CA MET A 16 10.66 0.65 19.55
C MET A 16 11.87 0.72 20.45
N PRO A 17 11.96 -0.20 21.41
CA PRO A 17 13.12 -0.13 22.27
C PRO A 17 14.43 -0.37 21.50
N LEU A 18 15.48 0.28 21.95
CA LEU A 18 16.79 0.26 21.30
C LEU A 18 17.23 -1.13 20.82
N PRO A 19 17.11 -2.17 21.70
CA PRO A 19 17.44 -3.55 21.30
C PRO A 19 16.68 -4.01 20.05
N LEU A 20 15.37 -3.81 20.06
CA LEU A 20 14.53 -4.19 18.94
C LEU A 20 14.88 -3.41 17.67
N TYR A 21 15.00 -2.09 17.77
CA TYR A 21 15.40 -1.26 16.62
C TYR A 21 16.69 -1.80 16.00
N ALA A 22 17.63 -2.22 16.85
CA ALA A 22 18.89 -2.78 16.39
C ALA A 22 18.65 -3.94 15.45
N PHE A 23 17.74 -4.84 15.83
CA PHE A 23 17.36 -5.98 14.99
C PHE A 23 17.02 -5.55 13.57
N ALA A 24 16.17 -4.54 13.47
CA ALA A 24 15.75 -4.00 12.19
C ALA A 24 16.91 -3.28 11.50
N LEU A 25 17.56 -2.35 12.20
CA LEU A 25 18.70 -1.62 11.66
C LEU A 25 19.81 -2.55 11.14
N ILE A 26 20.03 -3.65 11.85
CA ILE A 26 20.88 -4.74 11.38
C ILE A 26 20.37 -5.33 10.07
N THR A 27 19.09 -5.67 10.04
CA THR A 27 18.49 -6.27 8.85
C THR A 27 18.63 -5.34 7.65
N LEU A 28 18.32 -4.06 7.84
CA LEU A 28 18.45 -3.05 6.77
C LEU A 28 19.82 -3.14 6.11
N LEU A 29 20.84 -3.23 6.96
CA LEU A 29 22.20 -3.23 6.49
C LEU A 29 22.57 -4.57 5.83
N LEU A 30 22.01 -5.67 6.33
CA LEU A 30 22.16 -6.98 5.68
C LEU A 30 21.59 -6.93 4.27
N SER A 31 20.37 -6.44 4.14
CA SER A 31 19.74 -6.22 2.83
C SER A 31 20.55 -5.31 1.96
N HIS A 32 21.13 -4.30 2.59
CA HIS A 32 21.97 -3.33 1.91
C HIS A 32 23.24 -3.94 1.33
N PHE A 33 24.11 -4.45 2.19
CA PHE A 33 25.40 -4.99 1.74
C PHE A 33 25.31 -6.29 0.95
N TYR A 34 24.36 -7.17 1.27
CA TYR A 34 24.11 -8.36 0.44
C TYR A 34 23.40 -8.03 -0.88
N ASN A 35 22.89 -6.80 -0.99
CA ASN A 35 22.19 -6.34 -2.17
C ASN A 35 21.01 -7.25 -2.50
N ALA A 36 20.20 -7.51 -1.48
CA ALA A 36 19.03 -8.34 -1.60
C ALA A 36 17.87 -7.57 -1.01
N LEU A 37 16.91 -7.22 -1.87
CA LEU A 37 15.78 -6.43 -1.48
C LEU A 37 14.67 -6.55 -2.51
N PRO A 38 13.44 -6.88 -2.08
CA PRO A 38 12.34 -6.89 -3.05
C PRO A 38 11.92 -5.47 -3.43
N THR A 39 11.89 -5.15 -4.72
CA THR A 39 11.58 -3.79 -5.15
C THR A 39 10.07 -3.57 -5.16
N ASP A 40 9.42 -3.82 -4.01
CA ASP A 40 7.96 -3.74 -3.88
C ASP A 40 7.57 -3.02 -2.58
N ILE A 41 6.27 -2.99 -2.26
CA ILE A 41 5.77 -2.37 -1.00
C ILE A 41 6.54 -2.85 0.23
N VAL A 42 6.70 -4.16 0.35
CA VAL A 42 7.26 -4.75 1.56
C VAL A 42 8.68 -4.27 1.74
N GLY A 43 9.51 -4.50 0.72
CA GLY A 43 10.89 -4.03 0.73
C GLY A 43 10.99 -2.54 0.99
N GLY A 44 10.08 -1.76 0.40
CA GLY A 44 10.06 -0.31 0.54
C GLY A 44 9.82 0.11 1.97
N PHE A 45 8.60 -0.07 2.45
CA PHE A 45 8.25 0.27 3.82
C PHE A 45 9.26 -0.22 4.83
N ALA A 46 9.82 -1.41 4.62
CA ALA A 46 10.85 -1.93 5.52
C ALA A 46 12.01 -0.93 5.70
N ILE A 47 12.59 -0.52 4.57
CA ILE A 47 13.72 0.41 4.55
C ILE A 47 13.27 1.78 5.06
N MET A 48 12.18 2.26 4.48
CA MET A 48 11.64 3.58 4.78
C MET A 48 11.32 3.73 6.28
N PHE A 49 10.66 2.72 6.86
CA PHE A 49 10.34 2.75 8.29
C PHE A 49 11.59 2.89 9.16
N ILE A 50 12.57 2.03 8.90
CA ILE A 50 13.81 2.00 9.68
C ILE A 50 14.62 3.29 9.49
N ILE A 51 14.91 3.66 8.25
CA ILE A 51 15.69 4.87 7.97
C ILE A 51 15.02 6.08 8.57
N GLY A 52 13.73 6.22 8.28
CA GLY A 52 12.93 7.33 8.76
C GLY A 52 12.94 7.38 10.28
N ALA A 53 12.85 6.22 10.91
CA ALA A 53 12.85 6.12 12.37
C ALA A 53 14.07 6.76 13.02
N ILE A 54 15.26 6.35 12.60
CA ILE A 54 16.50 6.87 13.19
C ILE A 54 16.63 8.37 12.93
N PHE A 55 16.59 8.77 11.67
CA PHE A 55 16.84 10.17 11.32
C PHE A 55 15.72 11.05 11.83
N GLY A 56 14.54 10.46 11.97
CA GLY A 56 13.42 11.14 12.58
C GLY A 56 13.75 11.51 14.01
N GLU A 57 14.19 10.52 14.78
CA GLU A 57 14.58 10.72 16.18
C GLU A 57 15.74 11.72 16.28
N ILE A 58 16.77 11.50 15.46
CA ILE A 58 17.98 12.34 15.44
C ILE A 58 17.69 13.81 15.12
N GLY A 59 16.87 14.08 14.11
CA GLY A 59 16.53 15.45 13.74
C GLY A 59 15.95 16.17 14.93
N LYS A 60 15.02 15.51 15.60
CA LYS A 60 14.40 16.04 16.80
C LYS A 60 15.34 16.25 17.97
N ARG A 61 16.30 15.35 18.14
CA ARG A 61 17.20 15.36 19.32
C ARG A 61 18.13 16.57 19.33
N LEU A 62 18.65 16.92 18.16
CA LEU A 62 19.62 17.99 18.08
C LEU A 62 18.91 19.35 18.24
N PRO A 63 19.39 20.23 19.16
CA PRO A 63 18.67 21.52 19.30
C PRO A 63 18.69 22.36 18.02
N ILE A 64 19.85 22.48 17.40
CA ILE A 64 20.01 23.28 16.19
C ILE A 64 19.28 22.58 15.06
N PHE A 65 19.37 21.25 15.03
CA PHE A 65 18.75 20.44 13.97
C PHE A 65 17.23 20.50 14.00
N ASN A 66 16.65 20.47 15.21
CA ASN A 66 15.20 20.51 15.37
C ASN A 66 14.64 21.53 16.35
N LYS A 67 13.61 22.22 15.88
CA LYS A 67 12.91 23.23 16.63
C LYS A 67 11.46 22.74 16.77
N TYR A 68 11.01 22.60 18.02
CA TYR A 68 9.67 22.10 18.29
C TYR A 68 9.45 20.74 17.62
N ILE A 69 8.33 20.54 16.93
CA ILE A 69 8.07 19.26 16.25
C ILE A 69 8.47 19.37 14.77
N GLY A 70 8.83 20.58 14.35
CA GLY A 70 9.25 20.83 12.97
C GLY A 70 10.48 20.09 12.44
N GLY A 71 11.48 19.95 13.29
CA GLY A 71 12.71 19.28 12.91
C GLY A 71 12.71 17.85 12.43
N ALA A 72 11.95 16.98 13.09
CA ALA A 72 11.91 15.54 12.72
C ALA A 72 11.82 15.27 11.21
N PRO A 73 10.74 15.70 10.53
CA PRO A 73 10.56 15.35 9.12
C PRO A 73 11.65 15.90 8.20
N VAL A 74 11.98 17.18 8.39
CA VAL A 74 12.94 17.85 7.54
C VAL A 74 14.26 17.08 7.52
N MET A 75 14.61 16.48 8.66
CA MET A 75 15.80 15.62 8.74
C MET A 75 15.73 14.50 7.72
N ILE A 76 14.74 13.63 7.88
CA ILE A 76 14.54 12.48 7.02
C ILE A 76 14.55 12.93 5.56
N PHE A 77 13.75 13.97 5.30
CA PHE A 77 13.60 14.58 3.98
C PHE A 77 14.95 14.92 3.32
N LEU A 78 15.66 15.85 3.93
CA LEU A 78 16.96 16.31 3.42
C LEU A 78 17.96 15.17 3.41
N VAL A 79 18.04 14.45 4.53
CA VAL A 79 18.98 13.35 4.69
C VAL A 79 18.80 12.34 3.56
N ALA A 80 17.55 11.93 3.32
CA ALA A 80 17.23 10.99 2.24
C ALA A 80 17.72 11.46 0.87
N ALA A 81 17.57 12.76 0.59
CA ALA A 81 18.07 13.34 -0.68
C ALA A 81 19.58 13.25 -0.77
N TYR A 82 20.26 13.51 0.34
CA TYR A 82 21.72 13.41 0.40
C TYR A 82 22.19 11.98 0.16
N PHE A 83 21.40 11.01 0.60
CA PHE A 83 21.69 9.61 0.37
C PHE A 83 21.62 9.22 -1.10
N VAL A 84 20.69 9.82 -1.82
CA VAL A 84 20.56 9.54 -3.25
C VAL A 84 21.71 10.22 -4.00
N TYR A 85 21.88 11.51 -3.75
CA TYR A 85 22.92 12.30 -4.40
C TYR A 85 24.29 11.71 -4.15
N ALA A 86 24.61 11.45 -2.88
CA ALA A 86 25.89 10.80 -2.52
C ALA A 86 25.94 9.31 -2.89
N GLY A 87 24.90 8.80 -3.56
CA GLY A 87 24.86 7.42 -3.99
C GLY A 87 24.87 6.43 -2.83
N ILE A 88 24.41 6.87 -1.66
CA ILE A 88 24.43 6.04 -0.46
C ILE A 88 23.45 4.88 -0.62
N PHE A 89 22.30 5.16 -1.24
CA PHE A 89 21.33 4.12 -1.58
C PHE A 89 21.81 3.31 -2.76
N THR A 90 21.47 2.02 -2.79
CA THR A 90 21.73 1.20 -3.97
C THR A 90 20.59 1.39 -4.94
N GLN A 91 20.85 1.05 -6.20
CA GLN A 91 19.85 1.27 -7.23
C GLN A 91 18.56 0.54 -6.90
N LYS A 92 18.66 -0.70 -6.43
CA LYS A 92 17.48 -1.46 -6.00
C LYS A 92 16.70 -0.75 -4.87
N GLU A 93 17.42 -0.17 -3.92
CA GLU A 93 16.78 0.55 -2.80
C GLU A 93 16.00 1.76 -3.28
N ILE A 94 16.62 2.54 -4.18
CA ILE A 94 15.97 3.71 -4.78
C ILE A 94 14.73 3.26 -5.56
N ASP A 95 14.89 2.15 -6.27
CA ASP A 95 13.81 1.54 -7.05
C ASP A 95 12.64 1.09 -6.17
N ALA A 96 12.95 0.41 -5.06
CA ALA A 96 11.96 -0.03 -4.09
C ALA A 96 11.13 1.13 -3.57
N ILE A 97 11.81 2.16 -3.10
CA ILE A 97 11.18 3.39 -2.60
C ILE A 97 10.41 4.11 -3.72
N SER A 98 11.03 4.22 -4.88
CA SER A 98 10.36 4.79 -6.06
C SER A 98 9.11 4.01 -6.49
N ASN A 99 9.16 2.68 -6.40
CA ASN A 99 8.02 1.81 -6.70
C ASN A 99 6.83 2.04 -5.74
N VAL A 100 7.12 2.43 -4.51
CA VAL A 100 6.09 2.73 -3.52
C VAL A 100 5.51 4.11 -3.79
N MET A 101 6.36 5.08 -4.08
CA MET A 101 5.92 6.45 -4.26
C MET A 101 5.23 6.71 -5.59
N ASP A 102 5.76 6.13 -6.67
CA ASP A 102 5.16 6.31 -8.03
C ASP A 102 4.33 5.13 -8.54
N LYS A 103 4.96 4.06 -9.01
CA LYS A 103 4.24 2.92 -9.60
C LYS A 103 3.04 2.51 -8.75
N SER A 104 3.29 2.28 -7.47
CA SER A 104 2.27 1.97 -6.49
C SER A 104 1.48 3.23 -6.07
N ASN A 105 2.12 4.38 -6.15
CA ASN A 105 1.47 5.68 -5.90
C ASN A 105 0.95 5.82 -4.47
N PHE A 106 1.88 5.73 -3.54
CA PHE A 106 1.55 5.99 -2.13
C PHE A 106 1.27 7.48 -1.91
N LEU A 107 1.95 8.33 -2.68
CA LEU A 107 1.87 9.77 -2.47
C LEU A 107 0.44 10.25 -2.57
N ASN A 108 -0.25 9.84 -3.62
CA ASN A 108 -1.61 10.29 -3.81
C ASN A 108 -2.52 9.76 -2.73
N LEU A 109 -2.41 8.48 -2.45
CA LEU A 109 -3.21 7.84 -1.43
C LEU A 109 -3.10 8.62 -0.15
N PHE A 110 -1.87 8.87 0.25
CA PHE A 110 -1.58 9.63 1.46
C PHE A 110 -2.35 10.95 1.47
N ILE A 111 -2.20 11.73 0.40
CA ILE A 111 -2.87 13.03 0.29
C ILE A 111 -4.39 12.83 0.27
N ALA A 112 -4.83 11.84 -0.47
CA ALA A 112 -6.24 11.48 -0.55
C ALA A 112 -6.86 11.19 0.81
N VAL A 113 -6.15 10.42 1.62
CA VAL A 113 -6.60 10.07 2.98
C VAL A 113 -6.72 11.33 3.85
N LEU A 114 -5.70 12.16 3.78
CA LEU A 114 -5.64 13.40 4.54
C LEU A 114 -6.82 14.29 4.20
N ILE A 115 -6.95 14.62 2.92
CA ILE A 115 -8.02 15.50 2.47
C ILE A 115 -9.36 15.02 2.99
N THR A 116 -9.67 13.75 2.75
CA THR A 116 -10.92 13.16 3.19
C THR A 116 -11.13 13.33 4.69
N GLY A 117 -10.12 12.94 5.49
CA GLY A 117 -10.19 13.04 6.94
C GLY A 117 -10.34 14.45 7.48
N ALA A 118 -9.66 15.40 6.85
CA ALA A 118 -9.70 16.81 7.24
C ALA A 118 -11.04 17.47 6.91
N ILE A 119 -11.58 17.15 5.74
CA ILE A 119 -12.83 17.77 5.28
C ILE A 119 -14.04 17.16 5.96
N LEU A 120 -14.05 15.84 6.11
CA LEU A 120 -15.17 15.17 6.77
C LEU A 120 -15.28 15.42 8.28
N SER A 121 -14.26 16.06 8.88
CA SER A 121 -14.27 16.39 10.31
C SER A 121 -14.93 17.73 10.63
N VAL A 122 -14.96 18.64 9.67
CA VAL A 122 -15.55 19.97 9.89
C VAL A 122 -17.06 20.04 9.63
N ASN A 123 -17.69 21.09 10.16
CA ASN A 123 -19.15 21.29 9.97
C ASN A 123 -19.44 21.65 8.54
N ARG A 124 -20.68 21.37 8.12
CA ARG A 124 -21.11 21.72 6.76
C ARG A 124 -21.34 23.24 6.59
N ARG A 125 -21.95 23.88 7.60
CA ARG A 125 -22.15 25.33 7.60
C ARG A 125 -20.86 26.14 7.36
N LEU A 126 -19.78 25.70 7.97
CA LEU A 126 -18.49 26.39 7.90
C LEU A 126 -17.78 26.27 6.54
N LEU A 127 -18.15 25.28 5.73
CA LEU A 127 -17.49 24.99 4.44
C LEU A 127 -17.37 26.22 3.53
N LEU A 128 -18.50 26.61 2.93
CA LEU A 128 -18.53 27.70 1.95
C LEU A 128 -18.01 29.05 2.47
N LYS A 129 -17.96 29.25 3.78
CA LYS A 129 -17.48 30.51 4.37
C LYS A 129 -16.04 30.86 3.99
N SER A 130 -15.17 29.86 3.94
CA SER A 130 -13.74 30.06 3.71
C SER A 130 -13.37 30.28 2.23
N LEU A 131 -13.64 29.26 1.40
CA LEU A 131 -13.27 29.25 -0.05
C LEU A 131 -13.44 30.58 -0.80
N LEU A 132 -14.46 31.35 -0.41
CA LEU A 132 -14.72 32.67 -1.03
C LEU A 132 -13.65 33.71 -0.68
N GLY A 133 -13.21 33.73 0.58
CA GLY A 133 -12.12 34.62 1.01
C GLY A 133 -10.71 34.12 0.72
N TYR A 134 -10.57 32.82 0.43
CA TYR A 134 -9.25 32.21 0.23
C TYR A 134 -8.63 32.59 -1.11
N ILE A 135 -9.35 32.30 -2.20
CA ILE A 135 -8.83 32.52 -3.56
C ILE A 135 -8.22 33.91 -3.73
N PRO A 136 -8.92 34.96 -3.28
CA PRO A 136 -8.33 36.30 -3.34
C PRO A 136 -6.96 36.38 -2.65
N THR A 137 -6.88 35.80 -1.44
CA THR A 137 -5.61 35.73 -0.70
C THR A 137 -4.49 35.12 -1.56
N ILE A 138 -4.81 34.05 -2.28
CA ILE A 138 -3.84 33.41 -3.19
C ILE A 138 -3.31 34.42 -4.20
N LEU A 139 -4.25 35.19 -4.77
CA LEU A 139 -3.92 36.20 -5.78
C LEU A 139 -3.06 37.28 -5.17
N MET A 140 -3.39 37.66 -3.93
CA MET A 140 -2.58 38.58 -3.14
C MET A 140 -1.14 38.09 -2.98
N GLY A 141 -0.99 36.79 -2.72
CA GLY A 141 0.31 36.16 -2.59
C GLY A 141 1.11 36.25 -3.88
N ILE A 142 0.44 35.98 -4.99
CA ILE A 142 1.08 36.05 -6.32
C ILE A 142 1.59 37.45 -6.57
N VAL A 143 0.75 38.44 -6.31
CA VAL A 143 1.11 39.84 -6.51
C VAL A 143 2.39 40.14 -5.77
N GLY A 144 2.41 39.81 -4.48
CA GLY A 144 3.61 39.98 -3.65
C GLY A 144 4.79 39.19 -4.15
N ALA A 145 4.52 38.00 -4.66
CA ALA A 145 5.56 37.16 -5.24
C ALA A 145 6.16 37.79 -6.49
N SER A 146 5.31 38.45 -7.28
CA SER A 146 5.75 39.15 -8.49
C SER A 146 6.46 40.45 -8.15
N ILE A 147 5.82 41.27 -7.32
CA ILE A 147 6.36 42.58 -6.89
C ILE A 147 7.79 42.41 -6.34
N PHE A 148 7.97 41.49 -5.38
CA PHE A 148 9.30 41.24 -4.80
C PHE A 148 10.29 40.66 -5.80
N GLY A 149 9.84 39.71 -6.62
CA GLY A 149 10.68 39.12 -7.66
C GLY A 149 11.25 40.13 -8.62
N ILE A 150 10.39 41.00 -9.14
CA ILE A 150 10.77 42.06 -10.08
C ILE A 150 11.73 43.01 -9.37
N ALA A 151 11.37 43.40 -8.14
CA ALA A 151 12.17 44.29 -7.31
C ALA A 151 13.62 43.80 -7.17
N ILE A 152 13.79 42.58 -6.66
CA ILE A 152 15.12 41.97 -6.55
C ILE A 152 15.74 41.65 -7.91
N GLY A 153 14.89 41.34 -8.89
CA GLY A 153 15.37 41.00 -10.24
C GLY A 153 16.17 42.13 -10.86
N LEU A 154 15.58 43.32 -10.85
CA LEU A 154 16.25 44.52 -11.33
C LEU A 154 17.47 44.90 -10.47
N VAL A 155 17.48 44.46 -9.21
CA VAL A 155 18.68 44.57 -8.36
C VAL A 155 19.81 43.69 -8.90
N PHE A 156 19.45 42.65 -9.65
CA PHE A 156 20.40 41.76 -10.32
C PHE A 156 20.58 42.08 -11.81
N GLY A 157 19.94 43.15 -12.27
CA GLY A 157 20.04 43.57 -13.67
C GLY A 157 19.47 42.54 -14.63
N ILE A 158 18.33 41.96 -14.26
CA ILE A 158 17.67 40.92 -15.06
C ILE A 158 16.33 41.46 -15.56
N PRO A 159 16.10 41.40 -16.89
CA PRO A 159 14.88 42.01 -17.43
C PRO A 159 13.62 41.39 -16.81
N VAL A 160 12.56 42.19 -16.69
CA VAL A 160 11.33 41.79 -16.00
C VAL A 160 10.75 40.50 -16.57
N ASP A 161 10.50 40.46 -17.87
CA ASP A 161 9.96 39.27 -18.55
C ASP A 161 10.52 37.94 -18.04
N ARG A 162 11.85 37.83 -17.96
CA ARG A 162 12.53 36.61 -17.46
C ARG A 162 12.15 36.29 -16.02
N ILE A 163 12.15 37.33 -15.18
CA ILE A 163 11.76 37.20 -13.77
C ILE A 163 10.39 36.55 -13.66
N MET A 164 9.46 36.95 -14.53
CA MET A 164 8.12 36.36 -14.56
C MET A 164 8.10 34.98 -15.23
N MET A 165 8.82 34.82 -16.34
CA MET A 165 8.79 33.56 -17.11
C MET A 165 9.67 32.44 -16.52
N LEU A 166 10.90 32.76 -16.13
CA LEU A 166 11.85 31.76 -15.59
C LEU A 166 11.98 31.69 -14.07
N TYR A 167 11.40 32.66 -13.36
CA TYR A 167 11.51 32.70 -11.88
C TYR A 167 10.13 32.66 -11.17
N VAL A 168 9.37 33.74 -11.27
CA VAL A 168 8.09 33.88 -10.54
C VAL A 168 7.09 32.79 -10.95
N LEU A 169 6.59 32.84 -12.19
CA LEU A 169 5.58 31.88 -12.66
C LEU A 169 5.89 30.43 -12.30
N PRO A 170 7.12 29.95 -12.57
CA PRO A 170 7.40 28.55 -12.28
C PRO A 170 7.39 28.20 -10.79
N ILE A 171 7.89 29.11 -9.95
CA ILE A 171 7.87 28.92 -8.49
C ILE A 171 6.45 28.78 -7.98
N MET A 172 5.63 29.75 -8.33
CA MET A 172 4.24 29.78 -7.91
C MET A 172 3.43 28.69 -8.61
N GLY A 173 3.94 28.21 -9.74
CA GLY A 173 3.36 27.07 -10.43
C GLY A 173 3.02 25.90 -9.52
N GLY A 174 2.03 25.11 -9.94
CA GLY A 174 1.57 23.96 -9.17
C GLY A 174 2.51 22.76 -9.12
N GLY A 175 3.82 23.01 -9.29
CA GLY A 175 4.85 21.99 -9.11
C GLY A 175 5.35 21.38 -10.41
N ASN A 176 5.83 20.14 -10.31
CA ASN A 176 6.45 19.46 -11.43
C ASN A 176 5.47 19.16 -12.54
N GLY A 177 4.48 18.30 -12.27
CA GLY A 177 3.45 17.92 -13.23
C GLY A 177 2.60 19.11 -13.62
N ALA A 178 2.19 19.88 -12.62
CA ALA A 178 1.29 21.01 -12.83
C ALA A 178 1.92 22.28 -13.44
N GLY A 179 3.20 22.58 -13.18
CA GLY A 179 3.84 23.81 -13.70
C GLY A 179 4.89 23.58 -14.78
N ALA A 180 5.92 22.84 -14.43
CA ALA A 180 7.03 22.54 -15.35
C ALA A 180 6.57 21.75 -16.61
N VAL A 181 5.72 20.74 -16.39
CA VAL A 181 5.14 19.94 -17.46
C VAL A 181 4.23 20.76 -18.37
N PRO A 182 3.39 21.65 -17.80
CA PRO A 182 2.53 22.46 -18.65
C PRO A 182 3.03 23.84 -18.96
N LEU A 183 3.85 24.43 -18.10
CA LEU A 183 4.37 25.77 -18.36
C LEU A 183 5.37 25.74 -19.49
N SER A 184 6.13 24.64 -19.61
CA SER A 184 7.02 24.47 -20.76
C SER A 184 6.23 24.27 -22.05
N GLU A 185 5.06 23.64 -21.92
CA GLU A 185 4.12 23.45 -23.02
C GLU A 185 3.57 24.80 -23.54
N ILE A 186 3.22 25.69 -22.62
CA ILE A 186 2.72 27.03 -22.97
C ILE A 186 3.86 27.88 -23.53
N TYR A 187 5.05 27.70 -22.99
CA TYR A 187 6.24 28.40 -23.47
C TYR A 187 6.54 28.04 -24.94
N HIS A 188 6.47 26.75 -25.26
CA HIS A 188 6.68 26.26 -26.62
C HIS A 188 5.57 26.66 -27.59
N SER A 189 4.33 26.71 -27.10
CA SER A 189 3.18 27.09 -27.94
C SER A 189 3.21 28.55 -28.35
N VAL A 190 3.78 29.39 -27.49
CA VAL A 190 3.77 30.85 -27.69
C VAL A 190 5.09 31.35 -28.26
N THR A 191 6.22 30.83 -27.75
CA THR A 191 7.54 31.20 -28.27
C THR A 191 7.91 30.33 -29.45
N GLY A 192 7.87 29.02 -29.24
CA GLY A 192 8.34 28.03 -30.22
C GLY A 192 9.64 27.38 -29.80
N ARG A 193 10.28 27.92 -28.77
CA ARG A 193 11.56 27.43 -28.28
C ARG A 193 11.38 26.16 -27.48
N SER A 194 12.46 25.39 -27.38
CA SER A 194 12.42 24.04 -26.83
C SER A 194 11.83 24.03 -25.42
N ARG A 195 11.13 22.94 -25.10
CA ARG A 195 10.55 22.75 -23.78
C ARG A 195 11.70 22.56 -22.79
N GLU A 196 12.71 21.79 -23.19
CA GLU A 196 13.84 21.44 -22.35
C GLU A 196 14.49 22.70 -21.81
N GLU A 197 14.79 23.63 -22.71
CA GLU A 197 15.37 24.93 -22.36
C GLU A 197 14.66 25.55 -21.16
N TYR A 198 13.33 25.52 -21.18
CA TYR A 198 12.51 26.09 -20.09
C TYR A 198 12.47 25.17 -18.88
N TYR A 199 11.97 23.95 -19.10
CA TYR A 199 11.78 22.94 -18.07
C TYR A 199 13.01 22.85 -17.17
N SER A 200 14.17 22.56 -17.76
CA SER A 200 15.43 22.41 -17.03
C SER A 200 15.68 23.54 -16.05
N THR A 201 15.54 24.78 -16.52
CA THR A 201 15.72 25.97 -15.67
C THR A 201 14.62 26.10 -14.63
N ALA A 202 13.38 25.88 -15.05
CA ALA A 202 12.22 25.96 -14.16
C ALA A 202 12.26 24.91 -13.04
N ILE A 203 12.31 23.64 -13.42
CA ILE A 203 12.39 22.52 -12.46
C ILE A 203 13.51 22.71 -11.42
N ALA A 204 14.64 23.25 -11.87
CA ALA A 204 15.81 23.49 -11.02
C ALA A 204 15.51 24.57 -9.97
N ILE A 205 15.05 25.73 -10.45
CA ILE A 205 14.79 26.90 -9.61
C ILE A 205 13.62 26.69 -8.65
N LEU A 206 12.55 26.07 -9.15
CA LEU A 206 11.38 25.81 -8.33
C LEU A 206 11.74 24.91 -7.16
N THR A 207 12.64 23.96 -7.38
CA THR A 207 13.10 23.09 -6.30
C THR A 207 13.90 23.88 -5.27
N ILE A 208 14.69 24.87 -5.71
CA ILE A 208 15.43 25.76 -4.79
C ILE A 208 14.46 26.47 -3.85
N ALA A 209 13.48 27.14 -4.44
CA ALA A 209 12.44 27.83 -3.69
C ALA A 209 11.67 26.88 -2.75
N ASN A 210 11.34 25.68 -3.24
CA ASN A 210 10.71 24.62 -2.44
C ASN A 210 11.46 24.36 -1.16
N ILE A 211 12.79 24.38 -1.21
CA ILE A 211 13.59 24.20 0.00
C ILE A 211 13.46 25.42 0.89
N PHE A 212 13.45 26.61 0.31
CA PHE A 212 13.22 27.83 1.11
C PHE A 212 11.85 27.86 1.76
N ALA A 213 10.83 27.40 1.03
CA ALA A 213 9.46 27.32 1.52
C ALA A 213 9.37 26.49 2.78
N ILE A 214 10.04 25.35 2.75
CA ILE A 214 10.06 24.42 3.88
C ILE A 214 10.79 25.06 5.06
N VAL A 215 11.82 25.85 4.77
CA VAL A 215 12.60 26.50 5.82
C VAL A 215 11.80 27.61 6.50
N PHE A 216 11.18 28.47 5.70
CA PHE A 216 10.39 29.57 6.24
C PHE A 216 9.13 29.08 6.94
N ALA A 217 8.61 27.93 6.52
CA ALA A 217 7.46 27.30 7.19
C ALA A 217 7.76 27.07 8.67
N ALA A 218 8.97 26.61 8.97
CA ALA A 218 9.40 26.45 10.36
C ALA A 218 9.71 27.79 11.05
N VAL A 219 10.21 28.75 10.28
CA VAL A 219 10.51 30.09 10.81
C VAL A 219 9.22 30.80 11.24
N LEU A 220 8.19 30.72 10.40
CA LEU A 220 6.86 31.27 10.74
C LEU A 220 6.22 30.52 11.90
N ASP A 221 6.62 29.27 12.09
CA ASP A 221 6.16 28.48 13.22
C ASP A 221 6.72 29.05 14.51
N ILE A 222 8.02 29.28 14.51
CA ILE A 222 8.71 29.88 15.65
C ILE A 222 8.14 31.26 15.94
N ILE A 223 8.01 32.07 14.90
CA ILE A 223 7.48 33.43 15.03
C ILE A 223 6.01 33.39 15.45
N GLY A 224 5.28 32.38 14.97
CA GLY A 224 3.88 32.18 15.35
C GLY A 224 3.68 31.88 16.82
N LYS A 225 4.53 31.02 17.37
CA LYS A 225 4.47 30.67 18.78
C LYS A 225 5.21 31.68 19.64
N LYS A 226 6.00 32.56 19.03
CA LYS A 226 6.62 33.69 19.75
C LYS A 226 5.69 34.90 19.83
N HIS A 227 4.87 35.09 18.80
CA HIS A 227 3.95 36.21 18.71
C HIS A 227 2.55 35.67 18.40
N THR A 228 1.98 35.02 19.41
CA THR A 228 0.68 34.38 19.33
C THR A 228 -0.41 35.17 18.59
N TRP A 229 -0.32 36.50 18.61
CA TRP A 229 -1.30 37.35 17.94
C TRP A 229 -1.38 37.12 16.44
N LEU A 230 -0.27 36.70 15.84
CA LEU A 230 -0.21 36.43 14.39
C LEU A 230 -0.68 35.04 14.05
N SER A 231 -0.37 34.10 14.93
CA SER A 231 -0.69 32.70 14.69
C SER A 231 -2.11 32.36 15.15
N GLY A 232 -2.64 31.33 14.50
CA GLY A 232 -3.93 30.74 14.84
C GLY A 232 -3.77 29.39 15.49
N GLU A 233 -2.51 28.93 15.63
CA GLU A 233 -2.20 27.69 16.32
C GLU A 233 -2.88 26.51 15.63
N GLY A 234 -2.71 26.46 14.32
CA GLY A 234 -3.27 25.41 13.46
C GLY A 234 -4.64 25.72 12.88
N GLU A 235 -5.05 26.98 12.84
CA GLU A 235 -6.37 27.32 12.35
C GLU A 235 -6.31 28.54 11.49
N LEU A 236 -6.99 28.48 10.34
CA LEU A 236 -6.95 29.57 9.39
C LEU A 236 -7.97 30.66 9.72
N VAL A 237 -9.21 30.27 10.01
CA VAL A 237 -10.31 31.22 10.23
C VAL A 237 -10.45 31.60 11.70
N ARG A 238 -10.57 32.89 11.97
CA ARG A 238 -10.76 33.36 13.35
C ARG A 238 -12.21 33.06 13.79
N GLU A 248 -25.31 14.44 16.64
CA GLU A 248 -24.17 15.34 16.51
C GLU A 248 -22.85 14.78 17.07
N LYS A 249 -22.91 13.64 17.77
CA LYS A 249 -21.75 13.12 18.51
C LYS A 249 -21.32 11.74 18.03
N THR A 250 -20.01 11.56 17.88
CA THR A 250 -19.44 10.24 17.59
C THR A 250 -19.71 9.30 18.78
N GLY A 251 -20.36 8.18 18.50
CA GLY A 251 -20.63 7.16 19.50
C GLY A 251 -19.53 6.10 19.61
N GLN A 252 -18.82 5.83 18.51
CA GLN A 252 -17.93 4.66 18.43
C GLN A 252 -16.93 4.76 17.29
N ILE A 253 -15.83 4.01 17.41
CA ILE A 253 -14.86 3.82 16.31
C ILE A 253 -14.69 2.32 16.07
N THR A 254 -14.89 1.91 14.83
CA THR A 254 -14.62 0.58 14.37
C THR A 254 -13.59 0.66 13.25
N HIS A 255 -12.78 -0.36 13.16
CA HIS A 255 -11.87 -0.45 12.06
C HIS A 255 -12.65 -0.32 10.76
N ARG A 256 -13.76 -1.04 10.77
CA ARG A 256 -14.80 -0.95 9.78
C ARG A 256 -15.04 0.54 9.52
N GLU A 257 -15.28 1.26 10.60
CA GLU A 257 -15.48 2.68 10.52
C GLU A 257 -14.20 3.32 9.96
N THR A 258 -13.04 2.95 10.49
CA THR A 258 -11.77 3.44 9.95
C THR A 258 -11.51 2.88 8.53
N ALA A 259 -11.94 1.64 8.32
CA ALA A 259 -11.82 0.99 7.03
C ALA A 259 -12.68 1.69 6.00
N VAL A 260 -13.89 2.07 6.41
CA VAL A 260 -14.79 2.80 5.52
C VAL A 260 -14.18 4.16 5.13
N GLY A 261 -13.43 4.76 6.05
CA GLY A 261 -12.68 5.96 5.75
C GLY A 261 -11.72 5.77 4.58
N LEU A 262 -11.05 4.62 4.58
CA LEU A 262 -10.12 4.28 3.52
C LEU A 262 -10.84 4.11 2.19
N VAL A 263 -11.99 3.45 2.22
CA VAL A 263 -12.84 3.29 1.05
C VAL A 263 -13.19 4.66 0.50
N LEU A 264 -13.66 5.55 1.37
CA LEU A 264 -14.07 6.89 0.96
C LEU A 264 -12.93 7.72 0.43
N SER A 265 -11.76 7.55 1.03
CA SER A 265 -10.55 8.21 0.54
C SER A 265 -10.25 7.83 -0.91
N THR A 266 -10.26 6.52 -1.20
CA THR A 266 -9.98 6.05 -2.57
C THR A 266 -11.13 6.37 -3.53
N THR A 267 -12.34 5.91 -3.19
CA THR A 267 -13.53 6.12 -4.05
C THR A 267 -13.78 7.59 -4.39
N CYS A 268 -13.47 8.50 -3.47
CA CYS A 268 -13.59 9.93 -3.80
C CYS A 268 -12.52 10.37 -4.79
N PHE A 269 -11.30 9.88 -4.64
CA PHE A 269 -10.21 10.18 -5.57
C PHE A 269 -10.52 9.63 -6.96
N LEU A 270 -11.17 8.48 -7.02
CA LEU A 270 -11.54 7.87 -8.28
C LEU A 270 -12.51 8.74 -9.03
N LEU A 271 -13.55 9.19 -8.33
CA LEU A 271 -14.59 10.01 -8.94
C LEU A 271 -13.95 11.27 -9.48
N ALA A 272 -13.22 11.97 -8.63
CA ALA A 272 -12.52 13.18 -9.05
C ALA A 272 -11.68 12.92 -10.29
N TYR A 273 -10.95 11.81 -10.29
CA TYR A 273 -10.13 11.42 -11.43
C TYR A 273 -10.97 11.29 -12.71
N VAL A 274 -12.05 10.52 -12.62
CA VAL A 274 -12.96 10.31 -13.76
C VAL A 274 -13.56 11.63 -14.23
N VAL A 275 -13.69 12.60 -13.34
CA VAL A 275 -14.22 13.91 -13.70
C VAL A 275 -13.18 14.76 -14.43
N ALA A 276 -11.97 14.84 -13.89
CA ALA A 276 -10.91 15.66 -14.49
C ALA A 276 -10.34 15.10 -15.79
N LYS A 277 -10.64 13.83 -16.10
CA LYS A 277 -10.14 13.17 -17.31
C LYS A 277 -11.19 13.10 -18.42
N LYS A 278 -12.40 12.66 -18.07
CA LYS A 278 -13.41 12.34 -19.08
C LYS A 278 -14.69 13.15 -18.99
N ILE A 279 -14.96 13.82 -17.86
CA ILE A 279 -16.23 14.54 -17.71
C ILE A 279 -16.04 16.04 -17.80
N LEU A 280 -15.29 16.61 -16.87
CA LEU A 280 -15.20 18.05 -16.74
C LEU A 280 -13.76 18.45 -16.55
N PRO A 281 -12.92 18.19 -17.56
CA PRO A 281 -11.50 18.43 -17.37
C PRO A 281 -11.17 19.88 -17.04
N SER A 282 -11.86 20.81 -17.68
CA SER A 282 -11.62 22.23 -17.48
C SER A 282 -12.95 22.97 -17.52
N ILE A 283 -13.26 23.68 -16.44
CA ILE A 283 -14.50 24.49 -16.35
C ILE A 283 -14.52 25.60 -17.37
N GLY A 284 -13.38 26.27 -17.54
CA GLY A 284 -13.27 27.35 -18.52
C GLY A 284 -11.86 27.41 -19.05
N GLY A 285 -11.30 28.61 -19.10
CA GLY A 285 -9.89 28.79 -19.41
C GLY A 285 -8.94 28.10 -18.44
N VAL A 286 -9.44 27.69 -17.27
CA VAL A 286 -8.63 26.96 -16.27
C VAL A 286 -8.85 25.45 -16.39
N ALA A 287 -7.76 24.69 -16.28
CA ALA A 287 -7.82 23.22 -16.22
C ALA A 287 -7.79 22.79 -14.76
N ILE A 288 -8.84 22.06 -14.34
CA ILE A 288 -8.98 21.66 -12.94
C ILE A 288 -8.34 20.30 -12.70
N HIS A 289 -7.24 20.31 -11.95
CA HIS A 289 -6.53 19.11 -11.56
C HIS A 289 -7.43 18.22 -10.70
N TYR A 290 -7.38 16.92 -10.93
CA TYR A 290 -8.27 15.97 -10.23
C TYR A 290 -8.32 16.12 -8.70
N PHE A 291 -7.20 16.47 -8.07
CA PHE A 291 -7.19 16.72 -6.62
C PHE A 291 -8.10 17.87 -6.23
N ALA A 292 -8.11 18.92 -7.03
CA ALA A 292 -9.01 20.04 -6.82
C ALA A 292 -10.47 19.58 -6.83
N TRP A 293 -10.86 18.78 -7.82
CA TRP A 293 -12.21 18.21 -7.86
C TRP A 293 -12.51 17.44 -6.59
N MET A 294 -11.56 16.60 -6.17
CA MET A 294 -11.74 15.77 -4.96
C MET A 294 -12.17 16.62 -3.77
N VAL A 295 -11.55 17.78 -3.61
CA VAL A 295 -11.92 18.67 -2.52
C VAL A 295 -13.40 19.04 -2.62
N LEU A 296 -13.85 19.38 -3.83
CA LEU A 296 -15.26 19.71 -4.05
C LEU A 296 -16.17 18.51 -3.91
N ILE A 297 -15.69 17.33 -4.27
CA ILE A 297 -16.43 16.08 -4.11
C ILE A 297 -16.60 15.70 -2.65
N VAL A 298 -15.50 15.72 -1.91
CA VAL A 298 -15.51 15.36 -0.49
C VAL A 298 -16.35 16.38 0.26
N ALA A 299 -16.12 17.67 0.00
CA ALA A 299 -16.90 18.75 0.64
C ALA A 299 -18.38 18.57 0.40
N ALA A 300 -18.73 18.25 -0.84
CA ALA A 300 -20.11 17.93 -1.21
C ALA A 300 -20.60 16.74 -0.43
N LEU A 301 -19.79 15.70 -0.36
CA LEU A 301 -20.14 14.51 0.40
C LEU A 301 -20.42 14.81 1.88
N ASN A 302 -19.64 15.73 2.46
CA ASN A 302 -19.84 16.23 3.84
C ASN A 302 -21.22 16.86 3.99
N ALA A 303 -21.48 17.85 3.14
CA ALA A 303 -22.73 18.59 3.16
C ALA A 303 -23.93 17.71 2.89
N SER A 304 -23.76 16.72 2.02
CA SER A 304 -24.80 15.73 1.77
C SER A 304 -25.08 14.86 2.99
N GLY A 305 -24.12 14.77 3.91
CA GLY A 305 -24.28 13.98 5.12
C GLY A 305 -24.57 12.53 4.82
N LEU A 306 -24.19 12.04 3.64
CA LEU A 306 -24.32 10.62 3.29
C LEU A 306 -23.52 9.73 4.25
N CYS A 307 -22.51 10.34 4.88
CA CYS A 307 -21.66 9.68 5.83
C CYS A 307 -22.06 10.04 7.26
N SER A 308 -22.41 9.02 8.05
CA SER A 308 -22.76 9.20 9.46
C SER A 308 -21.54 9.71 10.26
N PRO A 309 -21.77 10.42 11.39
CA PRO A 309 -20.67 10.88 12.25
C PRO A 309 -19.67 9.80 12.60
N GLU A 310 -20.12 8.57 12.86
CA GLU A 310 -19.24 7.40 13.08
C GLU A 310 -18.20 7.25 11.95
N ILE A 311 -18.69 7.25 10.71
CA ILE A 311 -17.87 7.11 9.51
C ILE A 311 -16.99 8.35 9.32
N LYS A 312 -17.57 9.52 9.53
CA LYS A 312 -16.86 10.78 9.42
C LYS A 312 -15.67 10.83 10.37
N ALA A 313 -15.77 10.15 11.51
CA ALA A 313 -14.65 9.99 12.45
C ALA A 313 -13.64 9.00 11.92
N GLY A 314 -14.13 7.88 11.41
CA GLY A 314 -13.27 6.87 10.79
C GLY A 314 -12.28 7.46 9.80
N ALA A 315 -12.76 8.39 8.99
CA ALA A 315 -11.91 9.09 8.06
C ALA A 315 -10.88 9.97 8.77
N LYS A 316 -11.28 10.55 9.89
CA LYS A 316 -10.40 11.37 10.72
C LYS A 316 -9.29 10.50 11.31
N ARG A 317 -9.71 9.41 11.96
CA ARG A 317 -8.80 8.47 12.59
C ARG A 317 -7.80 7.91 11.60
N LEU A 318 -8.29 7.53 10.43
CA LEU A 318 -7.41 7.03 9.38
C LEU A 318 -6.38 8.10 9.03
N SER A 319 -6.87 9.33 8.90
CA SER A 319 -6.01 10.46 8.57
C SER A 319 -4.91 10.63 9.60
N ASP A 320 -5.27 10.49 10.87
CA ASP A 320 -4.29 10.55 11.97
C ASP A 320 -3.19 9.48 11.81
N PHE A 321 -3.59 8.25 11.55
CA PHE A 321 -2.66 7.13 11.38
C PHE A 321 -1.58 7.46 10.35
N PHE A 322 -1.99 8.05 9.24
CA PHE A 322 -1.05 8.43 8.18
C PHE A 322 -0.17 9.60 8.61
N SER A 323 -0.83 10.66 9.10
CA SER A 323 -0.15 11.89 9.47
C SER A 323 0.74 11.76 10.71
N LYS A 324 0.53 10.70 11.52
CA LYS A 324 1.32 10.53 12.72
C LYS A 324 2.22 9.31 12.70
N GLN A 325 1.84 8.22 12.02
CA GLN A 325 2.70 7.03 11.98
C GLN A 325 3.54 6.93 10.71
N LEU A 326 2.89 7.22 9.58
CA LEU A 326 3.50 7.03 8.27
C LEU A 326 4.13 8.30 7.72
N LEU A 327 4.00 9.42 8.44
CA LEU A 327 4.59 10.68 7.99
C LEU A 327 6.11 10.59 7.85
N TRP A 328 6.76 9.90 8.77
CA TRP A 328 8.21 9.70 8.70
C TRP A 328 8.60 8.86 7.49
N VAL A 329 7.78 7.85 7.20
CA VAL A 329 7.99 7.00 6.04
C VAL A 329 7.87 7.79 4.75
N LEU A 330 6.82 8.58 4.64
CA LEU A 330 6.57 9.41 3.46
C LEU A 330 7.77 10.29 3.13
N MET A 331 8.33 10.90 4.15
CA MET A 331 9.49 11.78 3.96
C MET A 331 10.66 11.06 3.31
N VAL A 332 10.93 9.82 3.73
CA VAL A 332 12.02 9.05 3.14
C VAL A 332 11.78 8.94 1.64
N GLY A 333 10.52 8.75 1.25
CA GLY A 333 10.15 8.66 -0.17
C GLY A 333 10.18 9.99 -0.89
N VAL A 334 9.75 11.03 -0.18
CA VAL A 334 9.74 12.36 -0.73
C VAL A 334 11.16 12.90 -0.97
N GLY A 335 12.05 12.63 -0.02
CA GLY A 335 13.45 13.01 -0.14
C GLY A 335 14.21 12.27 -1.22
N VAL A 336 13.67 11.13 -1.68
CA VAL A 336 14.29 10.34 -2.74
C VAL A 336 13.81 10.79 -4.10
N CYS A 337 12.51 10.72 -4.32
CA CYS A 337 11.97 10.89 -5.66
C CYS A 337 11.85 12.34 -6.07
N TYR A 338 11.30 13.19 -5.20
CA TYR A 338 10.94 14.56 -5.59
C TYR A 338 11.94 15.61 -5.13
N THR A 339 13.23 15.28 -5.23
CA THR A 339 14.30 16.19 -4.81
C THR A 339 15.62 15.82 -5.47
N ASP A 340 15.74 16.07 -6.78
CA ASP A 340 17.03 15.84 -7.48
C ASP A 340 18.05 16.92 -7.11
N LEU A 341 18.95 16.59 -6.19
CA LEU A 341 20.00 17.51 -5.73
C LEU A 341 21.03 17.86 -6.79
N GLN A 342 21.17 17.06 -7.84
CA GLN A 342 22.14 17.36 -8.90
C GLN A 342 21.68 18.54 -9.76
N GLU A 343 20.40 18.57 -10.09
CA GLU A 343 19.86 19.65 -10.93
C GLU A 343 19.82 20.96 -10.17
N ILE A 344 19.66 20.89 -8.84
CA ILE A 344 19.70 22.08 -8.00
C ILE A 344 21.07 22.72 -8.14
N ILE A 345 22.12 21.94 -7.84
CA ILE A 345 23.55 22.36 -7.96
C ILE A 345 23.85 23.03 -9.31
N ASN A 346 23.29 22.48 -10.39
CA ASN A 346 23.41 23.05 -11.73
C ASN A 346 22.81 24.45 -11.88
N ALA A 347 22.13 24.92 -10.83
CA ALA A 347 21.56 26.24 -10.82
C ALA A 347 21.67 26.94 -9.45
N ILE A 348 22.62 26.55 -8.60
CA ILE A 348 22.79 27.18 -7.28
C ILE A 348 23.83 28.29 -7.41
N THR A 349 23.65 29.16 -8.38
CA THR A 349 24.45 30.37 -8.44
C THR A 349 23.89 31.29 -7.38
N PHE A 350 24.76 31.94 -6.62
CA PHE A 350 24.38 32.96 -5.64
C PHE A 350 23.12 33.71 -6.08
N ALA A 351 23.08 34.10 -7.36
CA ALA A 351 21.95 34.84 -7.92
C ALA A 351 20.61 34.12 -7.73
N ASN A 352 20.48 32.92 -8.26
CA ASN A 352 19.21 32.16 -8.18
C ASN A 352 18.78 31.88 -6.74
N VAL A 353 19.76 31.56 -5.89
CA VAL A 353 19.52 31.24 -4.48
C VAL A 353 18.83 32.42 -3.80
N VAL A 354 19.37 33.62 -4.03
CA VAL A 354 18.85 34.83 -3.40
C VAL A 354 17.51 35.24 -4.04
N ILE A 355 17.49 35.39 -5.37
CA ILE A 355 16.28 35.79 -6.12
C ILE A 355 15.10 34.90 -5.75
N ALA A 356 15.33 33.59 -5.80
CA ALA A 356 14.29 32.60 -5.47
C ALA A 356 13.77 32.80 -4.06
N ALA A 357 14.67 32.86 -3.09
CA ALA A 357 14.30 33.04 -1.67
C ALA A 357 13.41 34.26 -1.48
N ILE A 358 13.84 35.39 -2.02
CA ILE A 358 13.08 36.63 -1.87
C ILE A 358 11.68 36.55 -2.48
N ILE A 359 11.56 35.92 -3.64
CA ILE A 359 10.24 35.68 -4.26
C ILE A 359 9.32 34.96 -3.27
N VAL A 360 9.87 33.97 -2.58
CA VAL A 360 9.13 33.19 -1.58
C VAL A 360 8.67 34.13 -0.45
N ILE A 361 9.58 34.98 0.00
CA ILE A 361 9.28 35.95 1.05
C ILE A 361 8.21 36.93 0.55
N GLY A 362 8.27 37.28 -0.74
CA GLY A 362 7.23 38.07 -1.36
C GLY A 362 5.86 37.41 -1.33
N ALA A 363 5.85 36.08 -1.49
CA ALA A 363 4.63 35.29 -1.38
C ALA A 363 4.12 35.24 0.05
N VAL A 364 5.05 35.11 1.00
CA VAL A 364 4.75 35.10 2.45
C VAL A 364 4.01 36.38 2.84
N LEU A 365 4.65 37.51 2.54
CA LEU A 365 4.10 38.81 2.88
C LEU A 365 2.83 39.09 2.08
N GLY A 366 2.79 38.62 0.84
CA GLY A 366 1.61 38.79 -0.02
C GLY A 366 0.38 38.08 0.51
N ALA A 367 0.55 36.82 0.91
CA ALA A 367 -0.53 36.02 1.48
C ALA A 367 -0.85 36.43 2.92
N ALA A 368 0.15 36.97 3.63
CA ALA A 368 -0.04 37.46 4.99
C ALA A 368 -0.96 38.68 5.01
N ILE A 369 -0.63 39.66 4.17
CA ILE A 369 -1.43 40.89 4.08
C ILE A 369 -2.85 40.56 3.63
N GLY A 370 -2.98 39.85 2.50
CA GLY A 370 -4.28 39.48 1.95
C GLY A 370 -5.18 38.79 2.95
N GLY A 371 -4.67 37.71 3.54
CA GLY A 371 -5.43 36.94 4.52
C GLY A 371 -5.87 37.76 5.72
N TRP A 372 -4.94 38.54 6.26
CA TRP A 372 -5.23 39.44 7.39
C TRP A 372 -6.42 40.34 7.08
N LEU A 373 -6.48 40.84 5.84
CA LEU A 373 -7.57 41.69 5.39
C LEU A 373 -8.86 40.89 5.18
N MET A 374 -8.72 39.64 4.74
CA MET A 374 -9.86 38.74 4.55
C MET A 374 -10.43 38.14 5.83
N GLY A 375 -9.61 38.09 6.90
CA GLY A 375 -10.06 37.59 8.21
C GLY A 375 -9.36 36.35 8.70
N PHE A 376 -8.38 35.87 7.93
CA PHE A 376 -7.61 34.71 8.33
C PHE A 376 -6.42 35.17 9.15
N PHE A 377 -5.82 34.20 9.84
CA PHE A 377 -4.61 34.45 10.61
C PHE A 377 -3.40 34.60 9.66
N PRO A 378 -2.60 35.67 9.83
CA PRO A 378 -1.48 35.92 8.92
C PRO A 378 -0.51 34.75 8.76
N ILE A 379 -0.14 34.11 9.86
CA ILE A 379 0.84 32.99 9.83
C ILE A 379 0.31 31.86 8.94
N GLU A 380 -0.90 31.39 9.26
CA GLU A 380 -1.53 30.30 8.49
C GLU A 380 -1.79 30.70 7.05
N SER A 381 -2.18 31.96 6.83
CA SER A 381 -2.41 32.48 5.48
C SER A 381 -1.15 32.47 4.65
N ALA A 382 -0.04 32.84 5.26
CA ALA A 382 1.27 32.84 4.56
C ALA A 382 1.77 31.44 4.21
N ILE A 383 1.33 30.45 4.99
CA ILE A 383 1.69 29.05 4.74
C ILE A 383 0.80 28.45 3.65
N THR A 384 -0.52 28.60 3.83
CA THR A 384 -1.47 27.98 2.93
C THR A 384 -1.53 28.69 1.57
N ALA A 385 -1.73 30.01 1.59
CA ALA A 385 -1.84 30.80 0.36
C ALA A 385 -0.51 31.41 -0.13
N GLY A 386 0.56 31.22 0.64
CA GLY A 386 1.89 31.76 0.29
C GLY A 386 2.91 30.67 -0.02
N LEU A 387 3.37 29.98 1.02
CA LEU A 387 4.42 28.96 0.86
C LEU A 387 3.94 27.74 0.07
N CYS A 388 2.68 27.37 0.26
CA CYS A 388 2.09 26.24 -0.46
C CYS A 388 1.90 26.48 -1.96
N MET A 389 1.96 27.75 -2.37
CA MET A 389 1.96 28.11 -3.79
C MET A 389 3.36 27.96 -4.38
N ALA A 390 4.36 28.44 -3.64
CA ALA A 390 5.77 28.47 -4.10
C ALA A 390 6.47 27.12 -3.98
N ASN A 391 5.87 26.20 -3.24
CA ASN A 391 6.41 24.86 -3.10
C ASN A 391 6.20 23.97 -4.33
N ARG A 392 6.83 22.79 -4.28
CA ARG A 392 6.70 21.78 -5.34
C ARG A 392 5.35 21.02 -5.28
N GLY A 393 4.23 21.76 -5.32
CA GLY A 393 2.89 21.16 -5.29
C GLY A 393 2.60 20.22 -4.13
N GLY A 394 2.05 19.05 -4.45
CA GLY A 394 1.60 18.06 -3.45
C GLY A 394 2.69 17.45 -2.60
N SER A 395 3.75 17.02 -3.26
CA SER A 395 4.93 16.52 -2.56
C SER A 395 5.41 17.64 -1.65
N GLY A 396 5.43 18.86 -2.18
CA GLY A 396 5.85 20.05 -1.45
C GLY A 396 4.98 20.36 -0.24
N ASP A 397 3.67 20.36 -0.43
CA ASP A 397 2.75 20.67 0.66
C ASP A 397 3.06 19.82 1.88
N LEU A 398 3.15 18.51 1.66
CA LEU A 398 3.51 17.58 2.74
C LEU A 398 4.85 17.95 3.40
N GLU A 399 5.83 18.35 2.57
CA GLU A 399 7.15 18.80 3.05
C GLU A 399 7.03 20.07 3.90
N VAL A 400 6.19 21.01 3.45
CA VAL A 400 5.98 22.29 4.14
C VAL A 400 5.14 22.11 5.39
N LEU A 401 3.96 21.56 5.21
CA LEU A 401 3.01 21.39 6.31
C LEU A 401 3.57 20.57 7.47
N SER A 402 4.44 19.61 7.16
CA SER A 402 5.12 18.84 8.21
C SER A 402 6.21 19.65 8.94
N ALA A 403 6.67 20.73 8.32
CA ALA A 403 7.67 21.62 8.89
C ALA A 403 7.09 22.64 9.85
N CYS A 404 5.81 22.96 9.70
CA CYS A 404 5.11 23.87 10.60
C CYS A 404 4.10 23.13 11.48
N ASN A 405 4.10 21.81 11.39
CA ASN A 405 3.22 20.94 12.15
C ASN A 405 1.73 21.24 12.00
N ARG A 406 1.36 21.86 10.87
CA ARG A 406 -0.03 22.22 10.58
C ARG A 406 -0.58 21.31 9.47
N MET A 407 -0.22 20.03 9.55
CA MET A 407 -0.63 19.01 8.58
C MET A 407 -2.13 19.00 8.30
N ASN A 408 -2.93 19.34 9.30
CA ASN A 408 -4.37 19.50 9.13
C ASN A 408 -4.83 20.56 8.12
N LEU A 409 -3.90 21.31 7.54
CA LEU A 409 -4.25 22.28 6.50
C LEU A 409 -4.01 21.75 5.06
N ILE A 410 -3.75 20.45 4.96
CA ILE A 410 -3.56 19.79 3.66
C ILE A 410 -4.60 20.18 2.63
N SER A 411 -5.85 20.25 3.04
CA SER A 411 -6.94 20.55 2.16
C SER A 411 -6.73 21.92 1.52
N TYR A 412 -6.39 22.90 2.35
CA TYR A 412 -6.13 24.26 1.88
C TYR A 412 -4.90 24.30 0.96
N ALA A 413 -3.80 23.69 1.42
CA ALA A 413 -2.56 23.61 0.65
C ALA A 413 -2.79 23.07 -0.76
N GLN A 414 -3.68 22.09 -0.87
CA GLN A 414 -4.05 21.49 -2.15
C GLN A 414 -4.82 22.45 -3.05
N ILE A 415 -5.69 23.26 -2.47
CA ILE A 415 -6.42 24.26 -3.24
C ILE A 415 -5.43 25.16 -3.98
N SER A 416 -4.41 25.62 -3.27
CA SER A 416 -3.39 26.50 -3.85
C SER A 416 -2.54 25.78 -4.91
N SER A 417 -2.05 24.60 -4.56
CA SER A 417 -1.22 23.82 -5.49
C SER A 417 -1.97 23.34 -6.75
N ARG A 418 -3.27 23.06 -6.63
CA ARG A 418 -4.07 22.57 -7.75
C ARG A 418 -4.88 23.67 -8.44
N LEU A 419 -5.81 24.27 -7.70
CA LEU A 419 -6.65 25.33 -8.24
C LEU A 419 -5.81 26.58 -8.44
N GLY A 420 -5.07 26.97 -7.41
CA GLY A 420 -4.16 28.09 -7.49
C GLY A 420 -3.08 27.89 -8.54
N GLY A 421 -2.74 26.63 -8.81
CA GLY A 421 -1.84 26.30 -9.92
C GLY A 421 -2.47 26.51 -11.29
N GLY A 422 -3.72 26.07 -11.42
CA GLY A 422 -4.50 26.31 -12.63
C GLY A 422 -4.66 27.79 -12.94
N ILE A 423 -4.57 28.63 -11.90
CA ILE A 423 -4.58 30.09 -12.04
C ILE A 423 -3.29 30.61 -12.68
N VAL A 424 -2.17 30.09 -12.20
CA VAL A 424 -0.85 30.48 -12.71
C VAL A 424 -0.77 30.23 -14.23
N LEU A 425 -1.41 29.15 -14.69
CA LEU A 425 -1.42 28.82 -16.12
C LEU A 425 -2.12 29.88 -16.97
N VAL A 426 -3.27 30.33 -16.51
CA VAL A 426 -4.02 31.37 -17.24
C VAL A 426 -3.19 32.64 -17.30
N ILE A 427 -2.62 32.99 -16.15
CA ILE A 427 -1.72 34.15 -16.03
C ILE A 427 -0.53 34.02 -16.97
N ALA A 428 0.02 32.81 -16.99
CA ALA A 428 1.18 32.48 -17.80
C ALA A 428 0.88 32.76 -19.30
N SER A 429 -0.14 32.11 -19.84
CA SER A 429 -0.50 32.29 -21.26
C SER A 429 -0.62 33.76 -21.66
N ILE A 430 -1.10 34.59 -20.73
CA ILE A 430 -1.18 36.04 -20.91
C ILE A 430 0.20 36.70 -20.92
N VAL A 431 0.99 36.43 -19.87
CA VAL A 431 2.34 36.98 -19.77
C VAL A 431 3.24 36.46 -20.90
N PHE A 432 3.19 35.14 -21.14
CA PHE A 432 3.94 34.53 -22.23
C PHE A 432 3.57 35.14 -23.59
N GLY A 433 2.27 35.29 -23.80
CA GLY A 433 1.74 35.89 -25.02
C GLY A 433 2.25 37.32 -25.19
N MET A 434 2.22 38.07 -24.09
CA MET A 434 2.71 39.45 -24.03
C MET A 434 4.18 39.54 -24.40
N MET A 435 4.98 38.60 -23.89
CA MET A 435 6.42 38.59 -24.15
C MET A 435 7.09 39.90 -23.76
N PHE B 11 -30.48 -0.70 6.48
CA PHE B 11 -29.34 -1.67 6.50
C PHE B 11 -28.06 -1.02 5.93
N LYS B 12 -26.90 -1.60 6.22
CA LYS B 12 -25.61 -1.11 5.72
C LYS B 12 -24.77 -2.16 5.00
N ILE B 13 -23.99 -1.74 4.00
CA ILE B 13 -23.03 -2.61 3.31
C ILE B 13 -21.55 -2.35 3.65
N PHE B 14 -20.85 -3.40 4.08
CA PHE B 14 -19.45 -3.31 4.49
C PHE B 14 -19.28 -2.15 5.43
N GLY B 15 -20.19 -2.08 6.40
CA GLY B 15 -20.30 -0.98 7.33
C GLY B 15 -20.57 0.34 6.66
N MET B 16 -21.12 0.29 5.45
CA MET B 16 -21.51 1.49 4.75
C MET B 16 -23.02 1.41 4.52
N PRO B 17 -23.75 2.48 4.91
CA PRO B 17 -25.19 2.46 4.60
C PRO B 17 -25.43 2.47 3.10
N LEU B 18 -26.56 1.90 2.68
CA LEU B 18 -26.90 1.75 1.27
C LEU B 18 -26.64 3.07 0.52
N PRO B 19 -27.37 4.15 0.82
CA PRO B 19 -27.13 5.41 0.09
C PRO B 19 -25.67 5.70 -0.24
N LEU B 20 -24.82 5.60 0.78
CA LEU B 20 -23.40 5.84 0.60
C LEU B 20 -22.75 4.83 -0.33
N TYR B 21 -23.01 3.53 -0.12
CA TYR B 21 -22.46 2.50 -1.00
C TYR B 21 -22.80 2.82 -2.46
N ALA B 22 -24.02 3.29 -2.69
CA ALA B 22 -24.47 3.66 -4.03
C ALA B 22 -23.51 4.65 -4.65
N PHE B 23 -23.15 5.68 -3.89
CA PHE B 23 -22.19 6.69 -4.35
C PHE B 23 -20.94 6.06 -4.93
N ALA B 24 -20.37 5.13 -4.19
CA ALA B 24 -19.17 4.42 -4.60
C ALA B 24 -19.48 3.51 -5.79
N LEU B 25 -20.50 2.66 -5.66
CA LEU B 25 -20.89 1.75 -6.74
C LEU B 25 -21.16 2.48 -8.06
N ILE B 26 -21.76 3.66 -7.96
CA ILE B 26 -21.89 4.58 -9.10
C ILE B 26 -20.54 4.98 -9.66
N THR B 27 -19.65 5.43 -8.78
CA THR B 27 -18.32 5.87 -9.21
C THR B 27 -17.58 4.74 -9.92
N LEU B 28 -17.62 3.54 -9.34
CA LEU B 28 -16.96 2.36 -9.93
C LEU B 28 -17.35 2.22 -11.39
N LEU B 29 -18.64 2.37 -11.64
CA LEU B 29 -19.20 2.16 -12.95
C LEU B 29 -18.85 3.33 -13.89
N LEU B 30 -18.77 4.55 -13.33
CA LEU B 30 -18.31 5.71 -14.10
C LEU B 30 -16.88 5.48 -14.57
N SER B 31 -16.01 5.09 -13.65
CA SER B 31 -14.63 4.71 -13.99
C SER B 31 -14.57 3.58 -14.99
N HIS B 32 -15.49 2.63 -14.83
CA HIS B 32 -15.60 1.50 -15.73
C HIS B 32 -15.97 1.90 -17.16
N PHE B 33 -17.15 2.48 -17.34
CA PHE B 33 -17.63 2.82 -18.68
C PHE B 33 -16.89 3.97 -19.35
N TYR B 34 -16.45 4.97 -18.59
CA TYR B 34 -15.57 6.01 -19.17
C TYR B 34 -14.15 5.53 -19.43
N ASN B 35 -13.82 4.35 -18.92
CA ASN B 35 -12.51 3.75 -19.08
C ASN B 35 -11.42 4.69 -18.56
N ALA B 36 -11.63 5.17 -17.34
CA ALA B 36 -10.69 6.06 -16.68
C ALA B 36 -10.42 5.53 -15.29
N LEU B 37 -9.18 5.12 -15.07
CA LEU B 37 -8.79 4.51 -13.82
C LEU B 37 -7.28 4.53 -13.68
N PRO B 38 -6.76 5.04 -12.55
CA PRO B 38 -5.32 4.98 -12.36
C PRO B 38 -4.88 3.55 -12.05
N THR B 39 -3.91 3.03 -12.78
CA THR B 39 -3.47 1.65 -12.57
C THR B 39 -2.47 1.57 -11.39
N ASP B 40 -2.88 2.06 -10.22
CA ASP B 40 -2.03 2.13 -9.03
C ASP B 40 -2.80 1.68 -7.78
N ILE B 41 -2.18 1.81 -6.59
CA ILE B 41 -2.84 1.47 -5.31
C ILE B 41 -4.23 2.09 -5.18
N VAL B 42 -4.33 3.38 -5.45
CA VAL B 42 -5.58 4.11 -5.21
C VAL B 42 -6.68 3.53 -6.08
N GLY B 43 -6.45 3.52 -7.38
CA GLY B 43 -7.40 2.95 -8.32
C GLY B 43 -7.77 1.52 -7.96
N GLY B 44 -6.78 0.75 -7.52
CA GLY B 44 -6.98 -0.66 -7.17
C GLY B 44 -7.92 -0.80 -6.01
N PHE B 45 -7.45 -0.45 -4.82
CA PHE B 45 -8.27 -0.54 -3.61
C PHE B 45 -9.66 0.03 -3.81
N ALA B 46 -9.78 1.11 -4.58
CA ALA B 46 -11.09 1.70 -4.86
C ALA B 46 -12.07 0.65 -5.45
N ILE B 47 -11.64 0.02 -6.53
CA ILE B 47 -12.44 -0.99 -7.20
C ILE B 47 -12.61 -2.20 -6.29
N MET B 48 -11.50 -2.69 -5.76
CA MET B 48 -11.47 -3.91 -4.94
C MET B 48 -12.38 -3.79 -3.72
N PHE B 49 -12.30 -2.65 -3.02
CA PHE B 49 -13.17 -2.40 -1.86
C PHE B 49 -14.65 -2.50 -2.24
N ILE B 50 -15.05 -1.79 -3.29
CA ILE B 50 -16.44 -1.73 -3.73
C ILE B 50 -16.93 -3.09 -4.21
N ILE B 51 -16.22 -3.69 -5.16
CA ILE B 51 -16.63 -4.98 -5.71
C ILE B 51 -16.72 -6.01 -4.62
N GLY B 52 -15.66 -6.09 -3.81
CA GLY B 52 -15.58 -7.03 -2.71
C GLY B 52 -16.72 -6.84 -1.75
N ALA B 53 -17.05 -5.58 -1.49
CA ALA B 53 -18.12 -5.24 -0.56
C ALA B 53 -19.47 -5.88 -0.94
N ILE B 54 -19.90 -5.63 -2.16
CA ILE B 54 -21.19 -6.14 -2.59
C ILE B 54 -21.22 -7.66 -2.61
N PHE B 55 -20.29 -8.27 -3.33
CA PHE B 55 -20.30 -9.71 -3.47
C PHE B 55 -20.01 -10.39 -2.15
N GLY B 56 -19.27 -9.71 -1.29
CA GLY B 56 -19.04 -10.18 0.06
C GLY B 56 -20.35 -10.32 0.80
N GLU B 57 -21.14 -9.25 0.79
CA GLU B 57 -22.47 -9.25 1.45
C GLU B 57 -23.37 -10.30 0.83
N ILE B 58 -23.43 -10.30 -0.50
CA ILE B 58 -24.26 -11.25 -1.25
C ILE B 58 -23.92 -12.66 -0.81
N GLY B 59 -22.66 -13.04 -0.95
CA GLY B 59 -22.21 -14.36 -0.51
C GLY B 59 -22.37 -14.60 0.98
N LYS B 60 -22.31 -13.52 1.76
CA LYS B 60 -22.60 -13.57 3.20
C LYS B 60 -24.03 -13.96 3.54
N ARG B 61 -24.97 -13.66 2.66
CA ARG B 61 -26.39 -13.95 2.86
C ARG B 61 -27.08 -14.89 1.87
N LEU B 62 -26.37 -15.44 0.89
CA LEU B 62 -26.97 -16.47 0.02
C LEU B 62 -27.27 -17.66 0.91
N PRO B 63 -28.49 -18.20 0.79
CA PRO B 63 -28.86 -19.20 1.77
C PRO B 63 -27.97 -20.44 1.69
N ILE B 64 -28.00 -21.13 0.55
CA ILE B 64 -27.21 -22.34 0.33
C ILE B 64 -25.75 -21.95 0.12
N PHE B 65 -25.58 -20.85 -0.62
CA PHE B 65 -24.26 -20.37 -1.02
C PHE B 65 -23.43 -19.92 0.18
N ASN B 66 -24.08 -19.26 1.15
CA ASN B 66 -23.43 -18.91 2.41
C ASN B 66 -23.73 -19.96 3.49
N LYS B 67 -22.66 -20.69 3.81
CA LYS B 67 -22.64 -21.78 4.77
C LYS B 67 -21.51 -21.45 5.76
N TYR B 68 -21.86 -21.44 7.06
CA TYR B 68 -20.91 -21.09 8.14
C TYR B 68 -20.32 -19.68 7.92
N ILE B 69 -19.00 -19.52 7.96
CA ILE B 69 -18.36 -18.25 7.64
C ILE B 69 -17.71 -18.28 6.26
N GLY B 70 -17.44 -19.46 5.73
CA GLY B 70 -16.73 -19.63 4.48
C GLY B 70 -17.51 -19.16 3.26
N GLY B 71 -18.76 -18.68 3.41
CA GLY B 71 -19.46 -18.04 2.29
C GLY B 71 -18.87 -16.76 1.75
N ALA B 72 -18.88 -15.67 2.53
CA ALA B 72 -18.46 -14.33 2.06
C ALA B 72 -17.26 -14.30 1.09
N PRO B 73 -16.07 -14.77 1.54
CA PRO B 73 -14.88 -14.66 0.70
C PRO B 73 -14.95 -15.44 -0.60
N VAL B 74 -15.41 -16.68 -0.51
CA VAL B 74 -15.48 -17.58 -1.65
C VAL B 74 -16.27 -16.94 -2.78
N MET B 75 -17.30 -16.18 -2.43
CA MET B 75 -18.07 -15.42 -3.41
C MET B 75 -17.15 -14.51 -4.20
N ILE B 76 -16.56 -13.54 -3.49
CA ILE B 76 -15.71 -12.54 -4.11
C ILE B 76 -14.65 -13.22 -4.97
N PHE B 77 -14.00 -14.22 -4.36
CA PHE B 77 -12.98 -15.02 -4.99
C PHE B 77 -13.40 -15.57 -6.36
N LEU B 78 -14.40 -16.44 -6.35
CA LEU B 78 -14.91 -17.08 -7.58
C LEU B 78 -15.46 -16.05 -8.53
N VAL B 79 -16.29 -15.16 -7.99
CA VAL B 79 -16.95 -14.13 -8.79
C VAL B 79 -15.92 -13.32 -9.54
N ALA B 80 -14.89 -12.84 -8.84
CA ALA B 80 -13.81 -12.08 -9.45
C ALA B 80 -13.14 -12.83 -10.63
N ALA B 81 -12.92 -14.13 -10.47
CA ALA B 81 -12.35 -14.95 -11.54
C ALA B 81 -13.26 -15.00 -12.76
N TYR B 82 -14.56 -15.13 -12.51
CA TYR B 82 -15.57 -15.15 -13.58
C TYR B 82 -15.59 -13.82 -14.33
N PHE B 83 -15.33 -12.73 -13.62
CA PHE B 83 -15.24 -11.41 -14.23
C PHE B 83 -14.07 -11.28 -15.19
N VAL B 84 -12.94 -11.91 -14.85
CA VAL B 84 -11.77 -11.87 -15.72
C VAL B 84 -12.02 -12.74 -16.95
N TYR B 85 -12.43 -13.99 -16.69
CA TYR B 85 -12.70 -14.95 -17.76
C TYR B 85 -13.76 -14.44 -18.73
N ALA B 86 -14.89 -14.01 -18.20
CA ALA B 86 -15.96 -13.41 -19.02
C ALA B 86 -15.60 -12.01 -19.54
N GLY B 87 -14.38 -11.55 -19.29
CA GLY B 87 -13.91 -10.27 -19.78
C GLY B 87 -14.69 -9.10 -19.20
N ILE B 88 -15.30 -9.30 -18.04
CA ILE B 88 -16.15 -8.28 -17.44
C ILE B 88 -15.29 -7.11 -17.01
N PHE B 89 -14.09 -7.38 -16.50
CA PHE B 89 -13.13 -6.33 -16.16
C PHE B 89 -12.50 -5.78 -17.43
N THR B 90 -12.14 -4.50 -17.41
CA THR B 90 -11.37 -3.93 -18.50
C THR B 90 -9.91 -4.17 -18.24
N GLN B 91 -9.11 -4.07 -19.30
CA GLN B 91 -7.71 -4.40 -19.18
C GLN B 91 -7.05 -3.52 -18.13
N LYS B 92 -7.37 -2.22 -18.15
CA LYS B 92 -6.83 -1.30 -17.14
C LYS B 92 -7.24 -1.72 -15.70
N GLU B 93 -8.47 -2.19 -15.52
CA GLU B 93 -8.94 -2.64 -14.19
C GLU B 93 -8.17 -3.85 -13.69
N ILE B 94 -7.96 -4.82 -14.59
CA ILE B 94 -7.17 -6.03 -14.28
C ILE B 94 -5.75 -5.60 -13.93
N ASP B 95 -5.24 -4.64 -14.70
CA ASP B 95 -3.90 -4.10 -14.51
C ASP B 95 -3.75 -3.41 -13.14
N ALA B 96 -4.74 -2.59 -12.81
CA ALA B 96 -4.78 -1.90 -11.51
C ALA B 96 -4.70 -2.88 -10.34
N ILE B 97 -5.59 -3.87 -10.37
CA ILE B 97 -5.62 -4.92 -9.36
C ILE B 97 -4.31 -5.71 -9.37
N SER B 98 -3.85 -6.07 -10.56
CA SER B 98 -2.60 -6.79 -10.72
C SER B 98 -1.39 -6.01 -10.19
N ASN B 99 -1.42 -4.68 -10.39
CA ASN B 99 -0.37 -3.79 -9.90
C ASN B 99 -0.33 -3.76 -8.36
N VAL B 100 -1.47 -3.96 -7.72
CA VAL B 100 -1.54 -4.01 -6.28
C VAL B 100 -1.06 -5.37 -5.75
N MET B 101 -1.48 -6.44 -6.42
CA MET B 101 -1.15 -7.79 -5.98
C MET B 101 0.28 -8.20 -6.27
N ASP B 102 0.79 -7.86 -7.46
CA ASP B 102 2.17 -8.22 -7.85
C ASP B 102 3.19 -7.06 -7.74
N LYS B 103 3.20 -6.13 -8.70
CA LYS B 103 4.21 -5.05 -8.74
C LYS B 103 4.40 -4.41 -7.37
N SER B 104 3.29 -4.00 -6.78
CA SER B 104 3.27 -3.46 -5.44
C SER B 104 3.40 -4.57 -4.39
N ASN B 105 2.95 -5.77 -4.72
CA ASN B 105 3.09 -6.95 -3.84
C ASN B 105 2.33 -6.80 -2.51
N PHE B 106 1.02 -6.64 -2.61
CA PHE B 106 0.16 -6.62 -1.44
C PHE B 106 0.06 -8.03 -0.83
N LEU B 107 0.13 -9.04 -1.67
CA LEU B 107 -0.07 -10.41 -1.23
C LEU B 107 0.91 -10.77 -0.13
N ASN B 108 2.18 -10.50 -0.37
CA ASN B 108 3.19 -10.88 0.61
C ASN B 108 3.03 -10.10 1.89
N LEU B 109 2.83 -8.80 1.75
CA LEU B 109 2.63 -7.92 2.90
C LEU B 109 1.53 -8.49 3.78
N PHE B 110 0.40 -8.77 3.15
CA PHE B 110 -0.74 -9.34 3.83
C PHE B 110 -0.34 -10.57 4.64
N ILE B 111 0.30 -11.53 3.98
CA ILE B 111 0.74 -12.78 4.65
C ILE B 111 1.78 -12.46 5.73
N ALA B 112 2.71 -11.58 5.41
CA ALA B 112 3.71 -11.12 6.36
C ALA B 112 3.11 -10.55 7.65
N VAL B 113 2.09 -9.71 7.51
CA VAL B 113 1.38 -9.10 8.65
C VAL B 113 0.71 -10.17 9.52
N LEU B 114 0.03 -11.09 8.86
CA LEU B 114 -0.66 -12.19 9.52
C LEU B 114 0.31 -13.01 10.34
N ILE B 115 1.33 -13.53 9.67
CA ILE B 115 2.32 -14.40 10.32
C ILE B 115 2.84 -13.74 11.59
N THR B 116 3.30 -12.50 11.44
CA THR B 116 3.84 -11.73 12.56
C THR B 116 2.85 -11.62 13.70
N GLY B 117 1.63 -11.20 13.39
CA GLY B 117 0.57 -11.05 14.40
C GLY B 117 0.17 -12.34 15.10
N ALA B 118 0.11 -13.43 14.34
CA ALA B 118 -0.24 -14.76 14.87
C ALA B 118 0.82 -15.34 15.77
N ILE B 119 2.08 -15.18 15.38
CA ILE B 119 3.20 -15.76 16.11
C ILE B 119 3.52 -14.95 17.35
N LEU B 120 3.52 -13.62 17.23
CA LEU B 120 3.82 -12.76 18.36
C LEU B 120 2.74 -12.75 19.46
N SER B 121 1.58 -13.36 19.20
CA SER B 121 0.50 -13.44 20.20
C SER B 121 0.60 -14.64 21.13
N VAL B 122 1.28 -15.70 20.69
CA VAL B 122 1.39 -16.93 21.49
C VAL B 122 2.56 -16.92 22.46
N ASN B 123 2.50 -17.81 23.44
CA ASN B 123 3.57 -17.95 24.43
C ASN B 123 4.81 -18.50 23.80
N ARG B 124 5.96 -18.20 24.41
CA ARG B 124 7.24 -18.74 23.93
C ARG B 124 7.40 -20.24 24.25
N ARG B 125 7.02 -20.64 25.46
CA ARG B 125 7.05 -22.06 25.87
C ARG B 125 6.33 -23.00 24.88
N LEU B 126 5.18 -22.55 24.38
CA LEU B 126 4.36 -23.36 23.48
C LEU B 126 4.92 -23.53 22.05
N LEU B 127 5.85 -22.66 21.64
CA LEU B 127 6.40 -22.64 20.28
C LEU B 127 6.94 -24.01 19.82
N LEU B 128 8.10 -24.40 20.35
CA LEU B 128 8.78 -25.62 19.92
C LEU B 128 7.97 -26.92 20.10
N LYS B 129 6.93 -26.90 20.94
CA LYS B 129 6.09 -28.09 21.17
C LYS B 129 5.42 -28.63 19.90
N SER B 130 4.96 -27.72 19.05
CA SER B 130 4.18 -28.08 17.86
C SER B 130 5.03 -28.57 16.67
N LEU B 131 5.89 -27.68 16.16
CA LEU B 131 6.73 -27.93 14.96
C LEU B 131 7.31 -29.35 14.83
N LEU B 132 7.64 -29.96 15.97
CA LEU B 132 8.19 -31.32 16.00
C LEU B 132 7.14 -32.38 15.60
N GLY B 133 5.90 -32.23 16.07
CA GLY B 133 4.80 -33.13 15.69
C GLY B 133 4.12 -32.81 14.37
N TYR B 134 4.33 -31.59 13.85
CA TYR B 134 3.66 -31.13 12.64
C TYR B 134 4.23 -31.76 11.37
N ILE B 135 5.52 -31.59 11.15
CA ILE B 135 6.18 -32.08 9.92
C ILE B 135 5.81 -33.54 9.59
N PRO B 136 5.87 -34.45 10.59
CA PRO B 136 5.42 -35.82 10.35
C PRO B 136 4.00 -35.90 9.79
N THR B 137 3.08 -35.14 10.40
CA THR B 137 1.70 -35.04 9.91
C THR B 137 1.65 -34.68 8.43
N ILE B 138 2.47 -33.72 8.02
CA ILE B 138 2.55 -33.31 6.60
C ILE B 138 2.91 -34.51 5.73
N LEU B 139 3.89 -35.29 6.18
CA LEU B 139 4.35 -36.47 5.47
C LEU B 139 3.23 -37.50 5.40
N MET B 140 2.51 -37.64 6.50
CA MET B 140 1.31 -38.49 6.58
C MET B 140 0.28 -38.10 5.52
N GLY B 141 0.07 -36.79 5.37
CA GLY B 141 -0.84 -36.25 4.36
C GLY B 141 -0.41 -36.62 2.95
N ILE B 142 0.89 -36.48 2.68
CA ILE B 142 1.45 -36.81 1.37
C ILE B 142 1.20 -38.29 1.05
N VAL B 143 1.49 -39.15 2.02
CA VAL B 143 1.31 -40.59 1.86
C VAL B 143 -0.13 -40.87 1.43
N GLY B 144 -1.07 -40.33 2.19
CA GLY B 144 -2.50 -40.46 1.87
C GLY B 144 -2.85 -39.86 0.53
N ALA B 145 -2.21 -38.75 0.20
CA ALA B 145 -2.40 -38.10 -1.10
C ALA B 145 -1.90 -38.97 -2.24
N SER B 146 -0.80 -39.69 -2.01
CA SER B 146 -0.23 -40.60 -3.00
C SER B 146 -1.05 -41.89 -3.08
N ILE B 147 -1.32 -42.51 -1.93
CA ILE B 147 -2.10 -43.75 -1.84
C ILE B 147 -3.45 -43.62 -2.57
N PHE B 148 -4.21 -42.57 -2.24
CA PHE B 148 -5.51 -42.32 -2.91
C PHE B 148 -5.37 -42.00 -4.39
N GLY B 149 -4.40 -41.17 -4.74
CA GLY B 149 -4.13 -40.82 -6.14
C GLY B 149 -3.86 -42.04 -7.01
N ILE B 150 -2.96 -42.90 -6.55
CA ILE B 150 -2.60 -44.12 -7.27
C ILE B 150 -3.85 -45.02 -7.35
N ALA B 151 -4.55 -45.17 -6.23
CA ALA B 151 -5.77 -45.98 -6.14
C ALA B 151 -6.80 -45.59 -7.20
N ILE B 152 -7.20 -44.32 -7.21
CA ILE B 152 -8.11 -43.80 -8.23
C ILE B 152 -7.47 -43.76 -9.63
N GLY B 153 -6.16 -43.56 -9.70
CA GLY B 153 -5.44 -43.49 -10.97
C GLY B 153 -5.59 -44.76 -11.78
N LEU B 154 -5.31 -45.88 -11.14
CA LEU B 154 -5.48 -47.21 -11.73
C LEU B 154 -6.95 -47.53 -12.01
N VAL B 155 -7.87 -46.89 -11.29
CA VAL B 155 -9.30 -46.95 -11.61
C VAL B 155 -9.59 -46.25 -12.95
N PHE B 156 -8.72 -45.32 -13.35
CA PHE B 156 -8.77 -44.65 -14.64
C PHE B 156 -7.79 -45.21 -15.68
N GLY B 157 -7.10 -46.30 -15.32
CA GLY B 157 -6.16 -46.95 -16.23
C GLY B 157 -5.00 -46.05 -16.59
N ILE B 158 -4.48 -45.32 -15.60
CA ILE B 158 -3.37 -44.40 -15.80
C ILE B 158 -2.16 -44.92 -15.04
N PRO B 159 -1.00 -45.05 -15.72
CA PRO B 159 0.17 -45.64 -15.06
C PRO B 159 0.58 -44.83 -13.84
N VAL B 160 1.14 -45.51 -12.84
CA VAL B 160 1.47 -44.91 -11.54
C VAL B 160 2.36 -43.69 -11.71
N ASP B 161 3.51 -43.85 -12.37
CA ASP B 161 4.47 -42.75 -12.60
C ASP B 161 3.81 -41.39 -12.92
N ARG B 162 2.87 -41.37 -13.87
CA ARG B 162 2.15 -40.15 -14.26
C ARG B 162 1.34 -39.57 -13.10
N ILE B 163 0.64 -40.45 -12.39
CA ILE B 163 -0.15 -40.06 -11.21
C ILE B 163 0.73 -39.30 -10.23
N MET B 164 1.96 -39.76 -10.03
CA MET B 164 2.92 -39.07 -9.16
C MET B 164 3.54 -37.83 -9.80
N MET B 165 3.90 -37.90 -11.08
CA MET B 165 4.59 -36.81 -11.77
C MET B 165 3.65 -35.67 -12.22
N LEU B 166 2.51 -36.02 -12.83
CA LEU B 166 1.56 -35.02 -13.37
C LEU B 166 0.35 -34.71 -12.49
N TYR B 167 0.11 -35.50 -11.44
CA TYR B 167 -1.05 -35.29 -10.57
C TYR B 167 -0.68 -35.03 -9.10
N VAL B 168 -0.17 -36.04 -8.40
CA VAL B 168 0.12 -35.95 -6.96
C VAL B 168 1.16 -34.87 -6.66
N LEU B 169 2.41 -35.08 -7.09
CA LEU B 169 3.51 -34.15 -6.80
C LEU B 169 3.15 -32.68 -7.05
N PRO B 170 2.59 -32.36 -8.24
CA PRO B 170 2.27 -30.94 -8.48
C PRO B 170 1.21 -30.38 -7.55
N ILE B 171 0.18 -31.18 -7.23
CA ILE B 171 -0.92 -30.76 -6.30
C ILE B 171 -0.37 -30.41 -4.94
N MET B 172 0.37 -31.36 -4.37
CA MET B 172 1.00 -31.20 -3.06
C MET B 172 2.14 -30.18 -3.10
N GLY B 173 2.69 -29.94 -4.29
CA GLY B 173 3.66 -28.87 -4.51
C GLY B 173 3.28 -27.54 -3.86
N GLY B 174 4.30 -26.75 -3.53
CA GLY B 174 4.11 -25.45 -2.88
C GLY B 174 3.53 -24.34 -3.77
N GLY B 175 2.77 -24.71 -4.82
CA GLY B 175 2.02 -23.78 -5.65
C GLY B 175 2.71 -23.43 -6.95
N ASN B 176 2.42 -22.24 -7.46
CA ASN B 176 2.90 -21.79 -8.75
C ASN B 176 4.41 -21.61 -8.80
N GLY B 177 4.91 -20.63 -8.04
CA GLY B 177 6.34 -20.33 -7.95
C GLY B 177 7.09 -21.49 -7.35
N ALA B 178 6.56 -22.06 -6.28
CA ALA B 178 7.23 -23.14 -5.53
C ALA B 178 7.18 -24.53 -6.18
N GLY B 179 6.14 -24.90 -6.92
CA GLY B 179 6.01 -26.24 -7.53
C GLY B 179 6.13 -26.28 -9.05
N ALA B 180 5.24 -25.58 -9.73
CA ALA B 180 5.22 -25.53 -11.20
C ALA B 180 6.52 -24.92 -11.78
N VAL B 181 6.98 -23.82 -11.18
CA VAL B 181 8.24 -23.15 -11.57
C VAL B 181 9.47 -24.05 -11.33
N PRO B 182 9.53 -24.75 -10.19
CA PRO B 182 10.67 -25.62 -9.94
C PRO B 182 10.47 -27.07 -10.30
N LEU B 183 9.25 -27.57 -10.25
CA LEU B 183 9.00 -28.98 -10.58
C LEU B 183 9.18 -29.21 -12.07
N SER B 184 8.86 -28.22 -12.91
CA SER B 184 9.14 -28.31 -14.34
C SER B 184 10.64 -28.26 -14.60
N GLU B 185 11.36 -27.54 -13.74
CA GLU B 185 12.83 -27.45 -13.78
C GLU B 185 13.47 -28.81 -13.48
N ILE B 186 12.95 -29.51 -12.47
CA ILE B 186 13.45 -30.84 -12.10
C ILE B 186 13.07 -31.86 -13.17
N TYR B 187 11.88 -31.70 -13.73
CA TYR B 187 11.41 -32.57 -14.82
C TYR B 187 12.34 -32.49 -16.04
N HIS B 188 12.71 -31.26 -16.41
CA HIS B 188 13.62 -31.01 -17.52
C HIS B 188 15.06 -31.48 -17.24
N SER B 189 15.51 -31.35 -15.99
CA SER B 189 16.87 -31.77 -15.60
C SER B 189 17.05 -33.26 -15.64
N VAL B 190 15.98 -34.00 -15.36
CA VAL B 190 16.03 -35.46 -15.24
C VAL B 190 15.56 -36.14 -16.52
N THR B 191 14.48 -35.64 -17.13
CA THR B 191 13.96 -36.20 -18.39
C THR B 191 14.66 -35.58 -19.59
N GLY B 192 14.63 -34.25 -19.63
CA GLY B 192 15.11 -33.48 -20.79
C GLY B 192 13.98 -32.88 -21.61
N ARG B 193 12.75 -33.30 -21.32
CA ARG B 193 11.56 -32.85 -22.05
C ARG B 193 11.19 -31.45 -21.61
N SER B 194 10.45 -30.77 -22.49
CA SER B 194 10.17 -29.34 -22.33
C SER B 194 9.50 -29.06 -20.99
N ARG B 195 9.80 -27.88 -20.45
CA ARG B 195 9.20 -27.42 -19.20
C ARG B 195 7.72 -27.17 -19.46
N GLU B 196 7.41 -26.57 -20.61
CA GLU B 196 6.05 -26.17 -20.97
C GLU B 196 5.12 -27.37 -20.89
N GLU B 197 5.55 -28.46 -21.53
CA GLU B 197 4.80 -29.72 -21.51
C GLU B 197 4.33 -30.08 -20.10
N TYR B 198 5.22 -29.94 -19.12
CA TYR B 198 4.91 -30.24 -17.72
C TYR B 198 4.09 -29.12 -17.07
N TYR B 199 4.67 -27.93 -17.05
CA TYR B 199 4.09 -26.75 -16.42
C TYR B 199 2.63 -26.60 -16.78
N SER B 200 2.33 -26.51 -18.07
CA SER B 200 0.96 -26.34 -18.56
C SER B 200 -0.03 -27.33 -17.91
N THR B 201 0.33 -28.61 -17.90
CA THR B 201 -0.52 -29.65 -17.30
C THR B 201 -0.59 -29.52 -15.79
N ALA B 202 0.56 -29.26 -15.17
CA ALA B 202 0.66 -29.10 -13.71
C ALA B 202 -0.14 -27.89 -13.21
N ILE B 203 0.20 -26.71 -13.71
CA ILE B 203 -0.48 -25.45 -13.35
C ILE B 203 -2.01 -25.56 -13.48
N ALA B 204 -2.46 -26.26 -14.52
CA ALA B 204 -3.88 -26.46 -14.78
C ALA B 204 -4.55 -27.31 -13.73
N ILE B 205 -3.97 -28.48 -13.50
CA ILE B 205 -4.51 -29.47 -12.54
C ILE B 205 -4.44 -29.01 -11.09
N LEU B 206 -3.32 -28.38 -10.73
CA LEU B 206 -3.14 -27.90 -9.35
C LEU B 206 -4.18 -26.87 -9.02
N THR B 207 -4.55 -26.06 -10.00
CA THR B 207 -5.59 -25.06 -9.79
C THR B 207 -6.95 -25.73 -9.58
N ILE B 208 -7.20 -26.83 -10.30
CA ILE B 208 -8.43 -27.61 -10.11
C ILE B 208 -8.55 -28.05 -8.65
N ALA B 209 -7.51 -28.74 -8.19
CA ALA B 209 -7.43 -29.22 -6.81
C ALA B 209 -7.56 -28.07 -5.80
N ASN B 210 -6.89 -26.94 -6.08
CA ASN B 210 -6.99 -25.72 -5.26
C ASN B 210 -8.44 -25.32 -5.04
N ILE B 211 -9.29 -25.46 -6.07
CA ILE B 211 -10.69 -25.14 -5.92
C ILE B 211 -11.37 -26.17 -5.04
N PHE B 212 -11.02 -27.45 -5.21
CA PHE B 212 -11.53 -28.49 -4.30
C PHE B 212 -11.12 -28.30 -2.85
N ALA B 213 -9.87 -27.88 -2.65
CA ALA B 213 -9.32 -27.63 -1.32
C ALA B 213 -10.14 -26.60 -0.58
N ILE B 214 -10.48 -25.51 -1.30
CA ILE B 214 -11.27 -24.44 -0.75
C ILE B 214 -12.68 -24.93 -0.42
N VAL B 215 -13.21 -25.83 -1.24
CA VAL B 215 -14.55 -26.36 -1.02
C VAL B 215 -14.61 -27.28 0.20
N PHE B 216 -13.65 -28.20 0.29
CA PHE B 216 -13.61 -29.13 1.41
C PHE B 216 -13.26 -28.43 2.72
N ALA B 217 -12.52 -27.33 2.65
CA ALA B 217 -12.23 -26.51 3.83
C ALA B 217 -13.52 -26.07 4.52
N ALA B 218 -14.52 -25.67 3.74
CA ALA B 218 -15.83 -25.31 4.28
C ALA B 218 -16.64 -26.55 4.72
N VAL B 219 -16.46 -27.67 4.02
CA VAL B 219 -17.14 -28.92 4.36
C VAL B 219 -16.65 -29.44 5.71
N LEU B 220 -15.34 -29.40 5.93
CA LEU B 220 -14.77 -29.77 7.23
C LEU B 220 -15.14 -28.79 8.35
N ASP B 221 -15.47 -27.56 7.97
CA ASP B 221 -15.96 -26.56 8.89
C ASP B 221 -17.33 -26.98 9.40
N ILE B 222 -18.22 -27.31 8.47
CA ILE B 222 -19.55 -27.79 8.78
C ILE B 222 -19.50 -29.04 9.64
N ILE B 223 -18.70 -30.00 9.20
CA ILE B 223 -18.52 -31.27 9.92
C ILE B 223 -17.86 -31.05 11.27
N GLY B 224 -16.96 -30.07 11.33
CA GLY B 224 -16.31 -29.70 12.59
C GLY B 224 -17.25 -29.14 13.65
N LYS B 225 -18.16 -28.27 13.21
CA LYS B 225 -19.14 -27.69 14.11
C LYS B 225 -20.35 -28.59 14.28
N LYS B 226 -20.49 -29.63 13.45
CA LYS B 226 -21.51 -30.66 13.65
C LYS B 226 -21.04 -31.76 14.60
N HIS B 227 -19.74 -32.04 14.58
CA HIS B 227 -19.13 -33.09 15.40
C HIS B 227 -17.93 -32.50 16.15
N THR B 228 -18.27 -31.66 17.13
CA THR B 228 -17.28 -30.94 17.95
C THR B 228 -16.07 -31.76 18.43
N TRP B 229 -16.24 -33.07 18.58
CA TRP B 229 -15.15 -33.94 19.01
C TRP B 229 -13.97 -33.96 18.04
N LEU B 230 -14.23 -33.72 16.76
CA LEU B 230 -13.17 -33.71 15.74
C LEU B 230 -12.51 -32.35 15.62
N SER B 231 -13.30 -31.30 15.81
CA SER B 231 -12.81 -29.95 15.66
C SER B 231 -12.18 -29.42 16.95
N GLY B 232 -11.28 -28.46 16.77
CA GLY B 232 -10.65 -27.72 17.84
C GLY B 232 -11.16 -26.30 17.91
N GLU B 233 -12.06 -25.93 17.00
CA GLU B 233 -12.71 -24.62 16.99
C GLU B 233 -11.65 -23.51 16.84
N GLY B 234 -10.77 -23.69 15.86
CA GLY B 234 -9.70 -22.76 15.55
C GLY B 234 -8.37 -23.04 16.24
N GLU B 235 -8.17 -24.25 16.73
CA GLU B 235 -6.95 -24.57 17.48
C GLU B 235 -6.42 -25.92 17.08
N LEU B 236 -5.11 -25.99 16.85
CA LEU B 236 -4.50 -27.22 16.38
C LEU B 236 -4.15 -28.16 17.53
N VAL B 237 -3.51 -27.62 18.58
CA VAL B 237 -3.01 -28.44 19.70
C VAL B 237 -4.06 -28.58 20.81
N ILE B 253 -3.48 1.05 24.11
CA ILE B 253 -2.69 0.72 22.91
C ILE B 253 -2.74 1.82 21.82
N THR B 254 -1.74 2.69 21.81
CA THR B 254 -1.69 3.80 20.85
C THR B 254 -1.31 3.21 19.51
N HIS B 255 -1.79 3.84 18.43
CA HIS B 255 -1.48 3.43 17.05
C HIS B 255 0.00 3.07 16.95
N ARG B 256 0.88 3.97 17.38
CA ARG B 256 2.31 3.72 17.36
C ARG B 256 2.64 2.25 17.59
N GLU B 257 1.96 1.63 18.55
CA GLU B 257 2.08 0.19 18.82
C GLU B 257 1.67 -0.66 17.60
N THR B 258 0.55 -0.31 17.01
CA THR B 258 0.07 -0.97 15.80
C THR B 258 0.99 -0.70 14.61
N ALA B 259 1.55 0.51 14.57
CA ALA B 259 2.48 0.94 13.53
C ALA B 259 3.77 0.12 13.65
N VAL B 260 4.23 -0.09 14.86
CA VAL B 260 5.43 -0.89 15.10
C VAL B 260 5.20 -2.31 14.64
N GLY B 261 3.98 -2.81 14.79
CA GLY B 261 3.62 -4.11 14.25
C GLY B 261 3.89 -4.19 12.76
N LEU B 262 3.54 -3.12 12.05
CA LEU B 262 3.74 -3.03 10.62
C LEU B 262 5.23 -3.04 10.27
N VAL B 263 6.00 -2.28 11.05
CA VAL B 263 7.45 -2.24 10.91
C VAL B 263 8.00 -3.65 11.05
N LEU B 264 7.59 -4.35 12.11
CA LEU B 264 8.09 -5.71 12.39
C LEU B 264 7.65 -6.70 11.33
N SER B 265 6.43 -6.53 10.81
CA SER B 265 5.94 -7.37 9.72
C SER B 265 6.86 -7.26 8.49
N THR B 266 7.18 -6.04 8.06
CA THR B 266 8.07 -5.82 6.92
C THR B 266 9.51 -6.20 7.23
N THR B 267 10.09 -5.59 8.27
CA THR B 267 11.49 -5.84 8.65
C THR B 267 11.80 -7.33 8.84
N CYS B 268 10.85 -8.09 9.37
CA CYS B 268 11.06 -9.54 9.50
C CYS B 268 11.09 -10.24 8.16
N PHE B 269 10.19 -9.82 7.26
CA PHE B 269 10.17 -10.37 5.90
C PHE B 269 11.46 -10.04 5.15
N LEU B 270 12.01 -8.85 5.40
CA LEU B 270 13.24 -8.43 4.74
C LEU B 270 14.38 -9.33 5.14
N LEU B 271 14.50 -9.57 6.45
CA LEU B 271 15.56 -10.40 6.97
C LEU B 271 15.46 -11.77 6.34
N ALA B 272 14.29 -12.39 6.46
CA ALA B 272 14.04 -13.71 5.89
C ALA B 272 14.43 -13.75 4.42
N TYR B 273 14.04 -12.70 3.69
CA TYR B 273 14.40 -12.58 2.28
C TYR B 273 15.92 -12.59 2.07
N VAL B 274 16.63 -11.74 2.80
CA VAL B 274 18.09 -11.65 2.72
C VAL B 274 18.76 -12.98 3.08
N VAL B 275 18.11 -13.76 3.93
CA VAL B 275 18.61 -15.07 4.33
C VAL B 275 18.42 -16.12 3.23
N ALA B 276 17.21 -16.20 2.69
CA ALA B 276 16.90 -17.19 1.64
C ALA B 276 17.55 -16.90 0.28
N LYS B 277 18.08 -15.68 0.08
CA LYS B 277 18.69 -15.27 -1.19
C LYS B 277 20.21 -15.29 -1.12
N LYS B 278 20.79 -14.70 -0.07
CA LYS B 278 22.23 -14.48 0.00
C LYS B 278 22.95 -15.17 1.16
N ILE B 279 22.25 -15.62 2.20
CA ILE B 279 22.91 -16.19 3.37
C ILE B 279 22.75 -17.70 3.43
N LEU B 280 21.52 -18.16 3.57
CA LEU B 280 21.26 -19.56 3.83
C LEU B 280 20.12 -20.04 2.93
N PRO B 281 20.37 -20.03 1.61
CA PRO B 281 19.27 -20.35 0.70
C PRO B 281 18.70 -21.74 0.91
N SER B 282 19.58 -22.70 1.19
CA SER B 282 19.16 -24.08 1.37
C SER B 282 20.01 -24.70 2.48
N ILE B 283 19.35 -25.20 3.53
CA ILE B 283 20.04 -25.87 4.64
C ILE B 283 20.74 -27.14 4.18
N GLY B 284 20.08 -27.91 3.33
CA GLY B 284 20.65 -29.15 2.81
C GLY B 284 20.13 -29.40 1.42
N GLY B 285 19.71 -30.64 1.16
CA GLY B 285 18.99 -31.00 -0.05
C GLY B 285 17.68 -30.24 -0.26
N VAL B 286 17.16 -29.58 0.79
CA VAL B 286 15.94 -28.77 0.71
C VAL B 286 16.27 -27.29 0.55
N ALA B 287 15.53 -26.61 -0.33
CA ALA B 287 15.63 -25.16 -0.50
C ALA B 287 14.56 -24.48 0.34
N ILE B 288 14.98 -23.62 1.27
CA ILE B 288 14.06 -22.97 2.22
C ILE B 288 13.54 -21.66 1.65
N HIS B 289 12.26 -21.64 1.31
CA HIS B 289 11.59 -20.45 0.83
C HIS B 289 11.59 -19.36 1.91
N TYR B 290 11.82 -18.11 1.50
CA TYR B 290 11.97 -16.99 2.45
C TYR B 290 10.84 -16.87 3.49
N PHE B 291 9.61 -17.20 3.11
CA PHE B 291 8.49 -17.21 4.06
C PHE B 291 8.71 -18.20 5.21
N ALA B 292 9.25 -19.36 4.87
CA ALA B 292 9.61 -20.37 5.89
C ALA B 292 10.61 -19.80 6.91
N TRP B 293 11.66 -19.14 6.42
CA TRP B 293 12.62 -18.47 7.32
C TRP B 293 11.92 -17.46 8.22
N MET B 294 11.05 -16.64 7.63
CA MET B 294 10.32 -15.62 8.39
C MET B 294 9.65 -16.21 9.62
N VAL B 295 9.03 -17.37 9.46
CA VAL B 295 8.39 -18.05 10.58
C VAL B 295 9.41 -18.29 11.70
N LEU B 296 10.59 -18.79 11.33
CA LEU B 296 11.65 -19.04 12.30
C LEU B 296 12.24 -17.76 12.85
N ILE B 297 12.26 -16.70 12.05
CA ILE B 297 12.74 -15.39 12.49
C ILE B 297 11.78 -14.75 13.49
N VAL B 298 10.50 -14.74 13.15
CA VAL B 298 9.48 -14.16 14.01
C VAL B 298 9.38 -14.96 15.30
N ALA B 299 9.32 -16.28 15.18
CA ALA B 299 9.28 -17.17 16.35
C ALA B 299 10.44 -16.92 17.30
N ALA B 300 11.63 -16.78 16.71
CA ALA B 300 12.83 -16.43 17.45
C ALA B 300 12.67 -15.08 18.13
N LEU B 301 12.14 -14.11 17.38
CA LEU B 301 11.91 -12.78 17.92
C LEU B 301 10.95 -12.80 19.11
N ASN B 302 9.94 -13.68 19.05
CA ASN B 302 9.01 -13.92 20.17
C ASN B 302 9.75 -14.41 21.41
N ALA B 303 10.49 -15.51 21.24
CA ALA B 303 11.22 -16.13 22.32
C ALA B 303 12.27 -15.19 22.89
N SER B 304 12.88 -14.37 22.04
CA SER B 304 13.85 -13.37 22.48
C SER B 304 13.17 -12.30 23.33
N GLY B 305 11.86 -12.12 23.17
CA GLY B 305 11.12 -11.14 23.93
C GLY B 305 11.64 -9.73 23.73
N LEU B 306 12.33 -9.49 22.60
CA LEU B 306 12.78 -8.15 22.24
C LEU B 306 11.61 -7.18 22.09
N CYS B 307 10.42 -7.74 21.83
CA CYS B 307 9.19 -6.99 21.68
C CYS B 307 8.35 -7.07 22.95
N SER B 308 8.08 -5.91 23.54
CA SER B 308 7.24 -5.81 24.73
C SER B 308 5.81 -6.27 24.43
N PRO B 309 5.06 -6.74 25.44
CA PRO B 309 3.66 -7.13 25.26
C PRO B 309 2.82 -6.09 24.54
N GLU B 310 3.02 -4.80 24.83
CA GLU B 310 2.36 -3.69 24.09
C GLU B 310 2.53 -3.82 22.55
N ILE B 311 3.77 -4.00 22.14
CA ILE B 311 4.14 -4.15 20.73
C ILE B 311 3.61 -5.48 20.18
N LYS B 312 3.75 -6.53 20.96
CA LYS B 312 3.27 -7.85 20.58
C LYS B 312 1.77 -7.83 20.31
N ALA B 313 1.04 -6.96 21.00
CA ALA B 313 -0.39 -6.72 20.73
C ALA B 313 -0.60 -5.93 19.46
N GLY B 314 0.18 -4.88 19.31
CA GLY B 314 0.15 -4.07 18.10
C GLY B 314 0.16 -4.92 16.83
N ALA B 315 1.04 -5.93 16.83
CA ALA B 315 1.14 -6.85 15.71
C ALA B 315 -0.12 -7.67 15.55
N LYS B 316 -0.75 -8.01 16.67
CA LYS B 316 -2.01 -8.74 16.70
C LYS B 316 -3.13 -7.88 16.11
N ARG B 317 -3.26 -6.67 16.65
CA ARG B 317 -4.28 -5.73 16.22
C ARG B 317 -4.14 -5.40 14.73
N LEU B 318 -2.91 -5.17 14.27
CA LEU B 318 -2.66 -4.96 12.84
C LEU B 318 -3.15 -6.15 12.02
N SER B 319 -2.83 -7.35 12.51
CA SER B 319 -3.22 -8.60 11.87
C SER B 319 -4.73 -8.68 11.74
N ASP B 320 -5.44 -8.29 12.79
CA ASP B 320 -6.91 -8.24 12.77
C ASP B 320 -7.44 -7.31 11.67
N PHE B 321 -6.88 -6.11 11.58
CA PHE B 321 -7.29 -5.11 10.58
C PHE B 321 -7.25 -5.71 9.16
N PHE B 322 -6.18 -6.44 8.86
CA PHE B 322 -6.03 -7.08 7.55
C PHE B 322 -7.04 -8.22 7.38
N SER B 323 -7.04 -9.12 8.36
CA SER B 323 -7.85 -10.33 8.32
C SER B 323 -9.36 -10.06 8.43
N LYS B 324 -9.74 -8.88 8.91
CA LYS B 324 -11.16 -8.55 9.06
C LYS B 324 -11.65 -7.43 8.15
N GLN B 325 -10.81 -6.46 7.81
CA GLN B 325 -11.23 -5.36 6.91
C GLN B 325 -10.83 -5.55 5.46
N LEU B 326 -9.59 -5.96 5.27
CA LEU B 326 -9.00 -6.04 3.96
C LEU B 326 -9.10 -7.43 3.36
N LEU B 327 -9.63 -8.40 4.11
CA LEU B 327 -9.76 -9.77 3.61
C LEU B 327 -10.63 -9.84 2.37
N TRP B 328 -11.70 -9.05 2.36
CA TRP B 328 -12.58 -8.98 1.19
C TRP B 328 -11.87 -8.40 -0.03
N VAL B 329 -11.04 -7.39 0.22
CA VAL B 329 -10.26 -6.77 -0.83
C VAL B 329 -9.27 -7.74 -1.43
N LEU B 330 -8.56 -8.45 -0.57
CA LEU B 330 -7.58 -9.43 -1.00
C LEU B 330 -8.19 -10.45 -1.94
N MET B 331 -9.38 -10.92 -1.61
CA MET B 331 -10.05 -11.93 -2.43
C MET B 331 -10.29 -11.43 -3.86
N VAL B 332 -10.68 -10.16 -4.00
CA VAL B 332 -10.90 -9.59 -5.33
C VAL B 332 -9.60 -9.71 -6.14
N GLY B 333 -8.47 -9.47 -5.50
CA GLY B 333 -7.15 -9.61 -6.14
C GLY B 333 -6.74 -11.04 -6.40
N VAL B 334 -7.06 -11.91 -5.44
CA VAL B 334 -6.74 -13.32 -5.54
C VAL B 334 -7.54 -14.00 -6.65
N GLY B 335 -8.83 -13.65 -6.75
CA GLY B 335 -9.70 -14.16 -7.82
C GLY B 335 -9.33 -13.66 -9.21
N VAL B 336 -8.55 -12.59 -9.30
CA VAL B 336 -8.09 -12.05 -10.57
C VAL B 336 -6.78 -12.69 -11.01
N CYS B 337 -5.76 -12.53 -10.20
CA CYS B 337 -4.41 -12.88 -10.63
C CYS B 337 -4.13 -14.37 -10.57
N TYR B 338 -4.49 -15.00 -9.45
CA TYR B 338 -4.06 -16.39 -9.19
C TYR B 338 -5.16 -17.43 -9.46
N THR B 339 -5.90 -17.24 -10.54
CA THR B 339 -7.00 -18.13 -10.92
C THR B 339 -7.34 -17.99 -12.39
N ASP B 340 -6.46 -18.46 -13.28
CA ASP B 340 -6.78 -18.45 -14.73
C ASP B 340 -7.80 -19.53 -15.08
N LEU B 341 -9.06 -19.12 -15.22
CA LEU B 341 -10.15 -20.05 -15.53
C LEU B 341 -10.07 -20.64 -16.94
N GLN B 342 -9.32 -20.05 -17.86
CA GLN B 342 -9.19 -20.60 -19.22
C GLN B 342 -8.34 -21.86 -19.23
N GLU B 343 -7.25 -21.84 -18.47
CA GLU B 343 -6.35 -22.99 -18.41
C GLU B 343 -6.98 -24.15 -17.67
N ILE B 344 -7.85 -23.85 -16.70
CA ILE B 344 -8.60 -24.89 -15.99
C ILE B 344 -9.45 -25.65 -17.01
N ILE B 345 -10.31 -24.91 -17.74
CA ILE B 345 -11.19 -25.47 -18.80
C ILE B 345 -10.43 -26.38 -19.77
N ASN B 346 -9.22 -25.97 -20.13
CA ASN B 346 -8.32 -26.77 -20.99
C ASN B 346 -7.93 -28.11 -20.39
N ALA B 347 -8.29 -28.35 -19.14
CA ALA B 347 -8.03 -29.60 -18.48
C ALA B 347 -9.17 -30.06 -17.56
N ILE B 348 -10.41 -29.60 -17.79
CA ILE B 348 -11.55 -30.02 -16.96
C ILE B 348 -12.24 -31.22 -17.63
N THR B 349 -11.44 -32.23 -17.98
CA THR B 349 -12.01 -33.48 -18.41
C THR B 349 -12.51 -34.16 -17.14
N PHE B 350 -13.70 -34.74 -17.20
CA PHE B 350 -14.25 -35.56 -16.10
C PHE B 350 -13.15 -36.27 -15.32
N ALA B 351 -12.20 -36.87 -16.04
CA ALA B 351 -11.07 -37.59 -15.43
C ALA B 351 -10.29 -36.75 -14.43
N ASN B 352 -9.72 -35.64 -14.89
CA ASN B 352 -8.89 -34.78 -14.02
C ASN B 352 -9.65 -34.23 -12.81
N VAL B 353 -10.91 -33.85 -13.05
CA VAL B 353 -11.77 -33.28 -12.02
C VAL B 353 -11.91 -34.27 -10.87
N VAL B 354 -12.18 -35.53 -11.21
CA VAL B 354 -12.41 -36.57 -10.21
C VAL B 354 -11.08 -36.97 -9.55
N ILE B 355 -10.08 -37.33 -10.37
CA ILE B 355 -8.75 -37.75 -9.88
C ILE B 355 -8.19 -36.72 -8.91
N ALA B 356 -8.20 -35.46 -9.34
CA ALA B 356 -7.67 -34.35 -8.53
C ALA B 356 -8.39 -34.28 -7.19
N ALA B 357 -9.73 -34.25 -7.24
CA ALA B 357 -10.55 -34.16 -6.02
C ALA B 357 -10.19 -35.25 -5.02
N ILE B 358 -10.15 -36.48 -5.50
CA ILE B 358 -9.86 -37.63 -4.62
C ILE B 358 -8.47 -37.54 -3.98
N ILE B 359 -7.48 -37.08 -4.75
CA ILE B 359 -6.13 -36.85 -4.21
C ILE B 359 -6.19 -35.90 -3.01
N VAL B 360 -7.01 -34.86 -3.13
CA VAL B 360 -7.22 -33.87 -2.07
C VAL B 360 -7.81 -34.57 -0.85
N ILE B 361 -8.82 -35.40 -1.08
CA ILE B 361 -9.47 -36.16 -0.02
C ILE B 361 -8.46 -37.12 0.62
N GLY B 362 -7.57 -37.69 -0.19
CA GLY B 362 -6.46 -38.49 0.32
C GLY B 362 -5.54 -37.71 1.25
N ALA B 363 -5.33 -36.44 0.93
CA ALA B 363 -4.54 -35.54 1.77
C ALA B 363 -5.26 -35.22 3.08
N VAL B 364 -6.58 -35.01 2.97
CA VAL B 364 -7.46 -34.72 4.12
C VAL B 364 -7.36 -35.86 5.14
N LEU B 365 -7.62 -37.08 4.66
CA LEU B 365 -7.61 -38.26 5.51
C LEU B 365 -6.19 -38.57 5.98
N GLY B 366 -5.19 -38.30 5.13
CA GLY B 366 -3.79 -38.52 5.48
C GLY B 366 -3.32 -37.64 6.63
N ALA B 367 -3.64 -36.35 6.53
CA ALA B 367 -3.30 -35.38 7.58
C ALA B 367 -4.20 -35.52 8.81
N ALA B 368 -5.42 -36.01 8.62
CA ALA B 368 -6.35 -36.26 9.73
C ALA B 368 -5.86 -37.38 10.63
N ILE B 369 -5.51 -38.51 10.02
CA ILE B 369 -5.00 -39.67 10.74
C ILE B 369 -3.70 -39.30 11.46
N GLY B 370 -2.73 -38.77 10.71
CA GLY B 370 -1.43 -38.40 11.26
C GLY B 370 -1.53 -37.49 12.46
N GLY B 371 -2.23 -36.37 12.29
CA GLY B 371 -2.40 -35.38 13.35
C GLY B 371 -3.07 -35.96 14.59
N TRP B 372 -4.13 -36.72 14.38
CA TRP B 372 -4.85 -37.40 15.47
C TRP B 372 -3.89 -38.24 16.31
N LEU B 373 -2.97 -38.92 15.65
CA LEU B 373 -1.96 -39.75 16.31
C LEU B 373 -0.90 -38.89 17.00
N MET B 374 -0.58 -37.74 16.41
CA MET B 374 0.39 -36.81 16.98
C MET B 374 -0.15 -35.96 18.14
N GLY B 375 -1.47 -35.80 18.20
CA GLY B 375 -2.13 -35.05 19.28
C GLY B 375 -2.87 -33.80 18.86
N PHE B 376 -2.90 -33.53 17.56
CA PHE B 376 -3.62 -32.39 17.04
C PHE B 376 -5.06 -32.80 16.75
N PHE B 377 -5.91 -31.79 16.58
CA PHE B 377 -7.30 -32.00 16.24
C PHE B 377 -7.38 -32.41 14.76
N PRO B 378 -8.11 -33.50 14.45
CA PRO B 378 -8.21 -33.98 13.06
C PRO B 378 -8.64 -32.93 12.04
N ILE B 379 -9.67 -32.13 12.36
CA ILE B 379 -10.20 -31.13 11.43
C ILE B 379 -9.13 -30.12 11.07
N GLU B 380 -8.53 -29.49 12.09
CA GLU B 380 -7.48 -28.50 11.88
C GLU B 380 -6.26 -29.12 11.22
N SER B 381 -5.93 -30.36 11.58
CA SER B 381 -4.81 -31.08 10.97
C SER B 381 -5.00 -31.31 9.48
N ALA B 382 -6.23 -31.68 9.09
CA ALA B 382 -6.56 -31.89 7.69
C ALA B 382 -6.54 -30.60 6.85
N ILE B 383 -6.76 -29.46 7.51
CA ILE B 383 -6.72 -28.16 6.84
C ILE B 383 -5.27 -27.67 6.71
N THR B 384 -4.54 -27.69 7.82
CA THR B 384 -3.18 -27.15 7.85
C THR B 384 -2.18 -28.07 7.15
N ALA B 385 -2.16 -29.34 7.54
CA ALA B 385 -1.23 -30.32 6.96
C ALA B 385 -1.79 -31.11 5.75
N GLY B 386 -3.05 -30.88 5.41
CA GLY B 386 -3.71 -31.57 4.30
C GLY B 386 -4.08 -30.64 3.15
N LEU B 387 -5.10 -29.82 3.36
CA LEU B 387 -5.61 -28.94 2.29
C LEU B 387 -4.63 -27.82 1.93
N CYS B 388 -3.90 -27.34 2.94
CA CYS B 388 -2.90 -26.28 2.72
C CYS B 388 -1.67 -26.76 1.95
N MET B 389 -1.50 -28.08 1.84
CA MET B 389 -0.47 -28.67 0.98
C MET B 389 -0.93 -28.75 -0.47
N ALA B 390 -2.18 -29.18 -0.65
CA ALA B 390 -2.76 -29.39 -1.99
C ALA B 390 -3.21 -28.10 -2.67
N ASN B 391 -3.31 -27.02 -1.89
CA ASN B 391 -3.69 -25.72 -2.43
C ASN B 391 -2.57 -25.03 -3.21
N ARG B 392 -2.93 -23.92 -3.84
CA ARG B 392 -1.99 -23.09 -4.62
C ARG B 392 -1.10 -22.22 -3.70
N GLY B 393 -0.38 -22.86 -2.78
CA GLY B 393 0.53 -22.16 -1.86
C GLY B 393 -0.08 -21.00 -1.06
N GLY B 394 0.61 -19.87 -1.05
CA GLY B 394 0.23 -18.70 -0.23
C GLY B 394 -1.08 -18.05 -0.60
N SER B 395 -1.26 -17.83 -1.90
CA SER B 395 -2.53 -17.32 -2.41
C SER B 395 -3.60 -18.30 -2.01
N GLY B 396 -3.30 -19.59 -2.16
CA GLY B 396 -4.21 -20.67 -1.79
C GLY B 396 -4.56 -20.69 -0.31
N ASP B 397 -3.56 -20.61 0.55
CA ASP B 397 -3.78 -20.67 1.99
C ASP B 397 -4.85 -19.65 2.40
N LEU B 398 -4.65 -18.41 1.97
CA LEU B 398 -5.62 -17.35 2.23
C LEU B 398 -7.02 -17.72 1.72
N GLU B 399 -7.08 -18.32 0.53
CA GLU B 399 -8.34 -18.78 -0.07
C GLU B 399 -8.97 -19.88 0.79
N VAL B 400 -8.16 -20.81 1.30
CA VAL B 400 -8.63 -21.95 2.11
C VAL B 400 -9.00 -21.50 3.50
N LEU B 401 -8.05 -20.88 4.18
CA LEU B 401 -8.23 -20.47 5.57
C LEU B 401 -9.41 -19.53 5.74
N SER B 402 -9.69 -18.71 4.74
CA SER B 402 -10.86 -17.82 4.76
C SER B 402 -12.19 -18.57 4.57
N ALA B 403 -12.10 -19.78 4.01
CA ALA B 403 -13.25 -20.65 3.79
C ALA B 403 -13.66 -21.46 5.02
N CYS B 404 -12.71 -21.69 5.93
CA CYS B 404 -13.00 -22.38 7.19
C CYS B 404 -12.93 -21.43 8.38
N ASN B 405 -12.77 -20.13 8.10
CA ASN B 405 -12.70 -19.09 9.10
C ASN B 405 -11.62 -19.30 10.18
N ARG B 406 -10.58 -20.05 9.83
CA ARG B 406 -9.48 -20.34 10.75
C ARG B 406 -8.21 -19.58 10.28
N MET B 407 -8.43 -18.34 9.83
CA MET B 407 -7.37 -17.46 9.34
C MET B 407 -6.16 -17.38 10.28
N ASN B 408 -6.40 -17.48 11.57
CA ASN B 408 -5.34 -17.56 12.57
C ASN B 408 -4.34 -18.73 12.44
N LEU B 409 -4.56 -19.64 11.49
CA LEU B 409 -3.62 -20.74 11.26
C LEU B 409 -2.70 -20.47 10.07
N ILE B 410 -2.70 -19.22 9.58
CA ILE B 410 -1.81 -18.79 8.48
C ILE B 410 -0.38 -19.26 8.66
N SER B 411 0.13 -19.15 9.88
CA SER B 411 1.50 -19.52 10.19
C SER B 411 1.75 -21.00 9.86
N TYR B 412 0.83 -21.85 10.30
CA TYR B 412 0.93 -23.29 10.01
C TYR B 412 0.79 -23.58 8.51
N ALA B 413 -0.23 -23.00 7.90
CA ALA B 413 -0.47 -23.16 6.46
C ALA B 413 0.77 -22.84 5.63
N GLN B 414 1.50 -21.81 6.05
CA GLN B 414 2.75 -21.40 5.40
C GLN B 414 3.85 -22.43 5.56
N ILE B 415 3.92 -23.07 6.72
CA ILE B 415 4.93 -24.12 6.95
C ILE B 415 4.78 -25.21 5.88
N SER B 416 3.53 -25.62 5.65
CA SER B 416 3.22 -26.65 4.66
C SER B 416 3.51 -26.21 3.23
N SER B 417 3.00 -25.03 2.87
CA SER B 417 3.21 -24.48 1.52
C SER B 417 4.69 -24.17 1.19
N ARG B 418 5.47 -23.76 2.19
CA ARG B 418 6.88 -23.39 1.99
C ARG B 418 7.84 -24.52 2.34
N LEU B 419 7.86 -24.92 3.61
CA LEU B 419 8.75 -25.98 4.08
C LEU B 419 8.25 -27.32 3.55
N GLY B 420 6.97 -27.58 3.73
CA GLY B 420 6.34 -28.79 3.16
C GLY B 420 6.43 -28.84 1.65
N GLY B 421 6.50 -27.67 1.01
CA GLY B 421 6.76 -27.59 -0.44
C GLY B 421 8.18 -27.97 -0.81
N GLY B 422 9.14 -27.47 -0.04
CA GLY B 422 10.54 -27.85 -0.19
C GLY B 422 10.77 -29.35 -0.02
N ILE B 423 9.89 -30.00 0.72
CA ILE B 423 9.89 -31.46 0.90
C ILE B 423 9.47 -32.18 -0.39
N VAL B 424 8.41 -31.68 -1.02
CA VAL B 424 7.90 -32.25 -2.25
C VAL B 424 8.97 -32.26 -3.34
N LEU B 425 9.82 -31.23 -3.36
CA LEU B 425 10.93 -31.14 -4.31
C LEU B 425 11.96 -32.28 -4.17
N VAL B 426 12.35 -32.55 -2.93
CA VAL B 426 13.32 -33.63 -2.66
C VAL B 426 12.71 -34.96 -3.11
N ILE B 427 11.44 -35.16 -2.74
CA ILE B 427 10.67 -36.34 -3.14
C ILE B 427 10.60 -36.43 -4.67
N ALA B 428 10.31 -35.31 -5.32
CA ALA B 428 10.15 -35.19 -6.79
C ALA B 428 11.37 -35.63 -7.58
N SER B 429 12.53 -35.09 -7.18
CA SER B 429 13.81 -35.50 -7.76
C SER B 429 14.01 -37.02 -7.71
N ILE B 430 13.69 -37.61 -6.56
CA ILE B 430 13.85 -39.05 -6.36
C ILE B 430 12.91 -39.81 -7.30
N VAL B 431 11.62 -39.47 -7.25
CA VAL B 431 10.60 -40.09 -8.09
C VAL B 431 10.92 -39.84 -9.56
N PHE B 432 11.26 -38.58 -9.87
CA PHE B 432 11.59 -38.20 -11.26
C PHE B 432 12.80 -38.97 -11.73
N GLY B 433 13.81 -39.07 -10.87
CA GLY B 433 15.02 -39.84 -11.17
C GLY B 433 14.72 -41.30 -11.47
N MET B 434 13.84 -41.87 -10.67
CA MET B 434 13.39 -43.24 -10.90
C MET B 434 11.91 -43.34 -11.25
CAC FLC C . 2.37 16.55 -6.84
CA FLC C . 3.55 15.65 -7.12
CB FLC C . 4.84 16.24 -7.60
CBC FLC C . 4.89 17.43 -8.49
CG FLC C . 6.03 15.31 -7.44
CGC FLC C . 7.30 15.96 -7.98
OA1 FLC C . 2.43 17.80 -6.99
OA2 FLC C . 1.38 15.94 -6.41
OB1 FLC C . 4.48 17.13 -9.64
OB2 FLC C . 5.27 18.59 -8.20
OG1 FLC C . 7.62 15.81 -9.19
OG2 FLC C . 7.97 16.65 -7.18
OHB FLC C . 5.01 16.97 -6.33
C2 BGC D . -9.04 21.62 8.50
C3 BGC D . -9.29 22.01 9.96
C4 BGC D . -9.78 23.44 10.09
C5 BGC D . -10.87 23.76 9.09
C6 BGC D . -11.29 25.23 9.15
C1 BGC D . -10.22 22.01 7.63
O1 BGC D . -9.97 21.70 6.26
O2 BGC D . -8.87 20.22 8.41
O3 BGC D . -8.08 21.91 10.71
O4 BGC D . -10.32 23.62 11.39
O5 BGC D . -10.45 23.40 7.77
O6 BGC D . -10.13 26.06 9.04
CAC FLC E . 2.34 -17.86 -3.27
CA FLC E . 1.81 -17.14 -4.47
CB FLC E . 1.26 -17.90 -5.65
CBC FLC E . 1.81 -19.19 -6.07
CG FLC E . 0.53 -17.00 -6.60
CGC FLC E . 0.00 -17.85 -7.76
OA1 FLC E . 2.34 -19.12 -3.18
OA2 FLC E . 2.76 -17.13 -2.34
OB1 FLC E . 2.93 -19.05 -6.55
OB2 FLC E . 1.26 -20.32 -6.00
OG1 FLC E . 0.67 -17.95 -8.80
OG2 FLC E . -1.09 -18.44 -7.62
OHB FLC E . 0.17 -18.41 -4.86
C2 BGC F . -1.85 -19.47 15.95
C3 BGC F . -2.84 -19.58 17.11
C4 BGC F . -2.72 -20.91 17.84
C5 BGC F . -1.27 -21.27 18.14
C6 BGC F . -1.16 -22.66 18.76
C1 BGC F . -0.45 -19.87 16.39
O1 BGC F . 0.47 -19.82 15.30
O2 BGC F . -1.78 -18.11 15.51
O3 BGC F . -4.19 -19.49 16.67
O4 BGC F . -3.39 -20.79 19.10
O5 BGC F . -0.48 -21.19 16.95
O6 BGC F . -1.88 -23.62 18.00
#